data_4IJK
#
_entry.id   4IJK
#
_cell.length_a   127.168
_cell.length_b   114.642
_cell.length_c   69.501
_cell.angle_alpha   90.000
_cell.angle_beta   90.000
_cell.angle_gamma   90.000
#
_symmetry.space_group_name_H-M   'P 21 21 2'
#
loop_
_entity.id
_entity.type
_entity.pdbx_description
1 polymer '3-ketoacyl-acyl carrier protein reductase (FabG)'
2 non-polymer 'SODIUM ION'
3 water water
#
_entity_poly.entity_id   1
_entity_poly.type   'polypeptide(L)'
_entity_poly.pdbx_seq_one_letter_code
;MHHHHHHSSGVDLGTENLYFQSNAMQFTGKNVLITGASKGIGAEIAKTLASMGLKVWINYRSNAEVADALKNELEEKGYK
AAVIKFDAASESDFIEAIQTIVQSDGGLSYLVNNAGVVRDKLAIKMKTEDFHHVIDNNLTSAFIGCREALKVMSKSRFGS
VVNVASIIGERGNMGQTNYSASKGGMIAMSKSFAYEGALRNIRFNSVTPGFIETDMNANLKDELKADYVKNIPLNRLGSA
KEVAEAVAFLLSDHSSYITGETLKVNGGLYM
;
_entity_poly.pdbx_strand_id   A,B,C,D
#
loop_
_chem_comp.id
_chem_comp.type
_chem_comp.name
_chem_comp.formula
NA non-polymer 'SODIUM ION' 'Na 1'
#
# COMPACT_ATOMS: atom_id res chain seq x y z
N ALA A 24 -31.24 -8.22 1.44
CA ALA A 24 -31.04 -6.78 1.64
C ALA A 24 -30.17 -6.54 2.87
N MET A 25 -29.02 -5.89 2.63
CA MET A 25 -28.20 -5.24 3.64
C MET A 25 -28.98 -4.24 4.49
N GLN A 26 -28.48 -3.97 5.69
CA GLN A 26 -29.14 -3.11 6.69
C GLN A 26 -28.68 -1.64 6.62
N PHE A 27 -29.65 -0.75 6.46
CA PHE A 27 -29.38 0.70 6.42
C PHE A 27 -30.17 1.41 7.51
N THR A 28 -29.46 2.03 8.46
CA THR A 28 -30.08 2.92 9.40
C THR A 28 -30.57 4.20 8.69
N GLY A 29 -29.82 4.69 7.71
CA GLY A 29 -30.25 5.84 6.90
C GLY A 29 -31.35 5.53 5.89
N LYS A 30 -31.94 6.58 5.34
CA LYS A 30 -33.16 6.44 4.54
C LYS A 30 -33.00 6.79 3.06
N ASN A 31 -32.01 7.62 2.74
CA ASN A 31 -31.87 8.15 1.37
C ASN A 31 -30.44 8.43 0.97
N VAL A 32 -30.24 8.55 -0.33
CA VAL A 32 -28.88 8.60 -0.87
C VAL A 32 -28.81 9.43 -2.12
N LEU A 33 -27.77 10.24 -2.21
CA LEU A 33 -27.52 11.03 -3.40
C LEU A 33 -26.36 10.42 -4.13
N ILE A 34 -26.57 10.18 -5.43
CA ILE A 34 -25.55 9.63 -6.28
C ILE A 34 -25.26 10.62 -7.40
N THR A 35 -24.03 11.11 -7.51
CA THR A 35 -23.68 11.98 -8.59
C THR A 35 -23.33 11.19 -9.85
N GLY A 36 -23.59 11.78 -11.02
CA GLY A 36 -23.41 11.07 -12.29
C GLY A 36 -24.12 9.72 -12.31
N ALA A 37 -25.38 9.70 -11.90
CA ALA A 37 -26.13 8.46 -11.74
C ALA A 37 -26.90 8.04 -12.97
N SER A 38 -26.79 8.76 -14.08
CA SER A 38 -27.68 8.56 -15.24
C SER A 38 -27.40 7.19 -15.89
N LYS A 39 -26.12 6.77 -15.92
CA LYS A 39 -25.70 5.56 -16.67
C LYS A 39 -24.50 4.89 -16.07
N GLY A 40 -24.11 3.76 -16.70
CA GLY A 40 -22.95 2.97 -16.29
C GLY A 40 -22.99 2.53 -14.83
N ILE A 41 -21.93 2.81 -14.11
CA ILE A 41 -21.79 2.46 -12.72
C ILE A 41 -22.74 3.24 -11.81
N GLY A 42 -22.88 4.53 -12.06
CA GLY A 42 -23.78 5.37 -11.27
C GLY A 42 -25.21 4.90 -11.32
N ALA A 43 -25.64 4.46 -12.51
CA ALA A 43 -26.99 3.91 -12.67
C ALA A 43 -27.18 2.63 -11.89
N GLU A 44 -26.24 1.69 -11.97
CA GLU A 44 -26.32 0.49 -11.12
C GLU A 44 -26.29 0.78 -9.61
N ILE A 45 -25.50 1.73 -9.16
CA ILE A 45 -25.53 2.07 -7.76
C ILE A 45 -26.94 2.48 -7.35
N ALA A 46 -27.56 3.30 -8.18
CA ALA A 46 -28.95 3.71 -7.97
C ALA A 46 -29.93 2.54 -7.91
N LYS A 47 -29.82 1.62 -8.87
CA LYS A 47 -30.62 0.36 -8.86
C LYS A 47 -30.40 -0.49 -7.63
N THR A 48 -29.16 -0.78 -7.37
CA THR A 48 -28.84 -1.58 -6.23
C THR A 48 -29.37 -0.99 -4.91
N LEU A 49 -29.03 0.28 -4.65
CA LEU A 49 -29.47 0.93 -3.41
C LEU A 49 -30.95 1.08 -3.32
N ALA A 50 -31.61 1.34 -4.45
CA ALA A 50 -33.08 1.39 -4.50
C ALA A 50 -33.69 0.04 -4.13
N SER A 51 -33.07 -1.05 -4.56
CA SER A 51 -33.63 -2.39 -4.34
C SER A 51 -33.52 -2.83 -2.87
N MET A 52 -32.62 -2.15 -2.14
CA MET A 52 -32.44 -2.39 -0.71
C MET A 52 -33.18 -1.38 0.17
N GLY A 53 -34.11 -0.63 -0.41
CA GLY A 53 -35.05 0.18 0.36
C GLY A 53 -34.67 1.63 0.58
N LEU A 54 -33.58 2.09 -0.02
CA LEU A 54 -33.20 3.50 0.10
C LEU A 54 -33.87 4.32 -0.99
N LYS A 55 -34.26 5.54 -0.62
CA LYS A 55 -34.73 6.47 -1.62
C LYS A 55 -33.50 7.03 -2.32
N VAL A 56 -33.41 6.80 -3.63
CA VAL A 56 -32.24 7.24 -4.40
C VAL A 56 -32.51 8.56 -5.11
N TRP A 57 -31.54 9.47 -5.03
CA TRP A 57 -31.55 10.71 -5.78
C TRP A 57 -30.54 10.62 -6.93
N ILE A 58 -31.04 10.72 -8.16
CA ILE A 58 -30.30 10.42 -9.38
C ILE A 58 -29.86 11.72 -10.02
N ASN A 59 -28.65 12.17 -9.70
CA ASN A 59 -28.12 13.38 -10.30
C ASN A 59 -27.82 13.17 -11.80
N TYR A 60 -28.28 14.10 -12.63
CA TYR A 60 -27.87 14.20 -14.04
C TYR A 60 -27.50 15.66 -14.35
N ARG A 61 -26.66 15.85 -15.38
CA ARG A 61 -26.11 17.15 -15.78
C ARG A 61 -26.88 17.70 -17.00
N SER A 62 -27.19 16.85 -17.96
CA SER A 62 -27.74 17.30 -19.25
C SER A 62 -29.08 16.67 -19.67
N ASN A 63 -29.08 15.37 -19.88
CA ASN A 63 -30.24 14.66 -20.44
C ASN A 63 -31.26 14.19 -19.41
N ALA A 64 -32.39 14.90 -19.37
CA ALA A 64 -33.49 14.57 -18.48
C ALA A 64 -34.17 13.23 -18.79
N GLU A 65 -34.27 12.89 -20.08
CA GLU A 65 -35.04 11.69 -20.50
C GLU A 65 -34.43 10.37 -19.99
N VAL A 66 -33.12 10.22 -20.10
CA VAL A 66 -32.44 9.04 -19.58
C VAL A 66 -32.62 8.90 -18.05
N ALA A 67 -32.50 10.00 -17.33
CA ALA A 67 -32.57 9.99 -15.88
C ALA A 67 -34.00 9.69 -15.44
N ASP A 68 -34.97 10.25 -16.15
CA ASP A 68 -36.38 10.01 -15.87
C ASP A 68 -36.74 8.56 -16.19
N ALA A 69 -36.15 7.99 -17.23
CA ALA A 69 -36.44 6.60 -17.59
C ALA A 69 -35.90 5.67 -16.50
N LEU A 70 -34.75 6.00 -15.93
CA LEU A 70 -34.22 5.24 -14.82
C LEU A 70 -35.14 5.35 -13.60
N LYS A 71 -35.57 6.58 -13.29
CA LYS A 71 -36.46 6.81 -12.13
C LYS A 71 -37.75 6.01 -12.29
N ASN A 72 -38.26 6.03 -13.51
CA ASN A 72 -39.45 5.27 -13.85
C ASN A 72 -39.26 3.78 -13.69
N GLU A 73 -38.16 3.28 -14.20
CA GLU A 73 -37.87 1.88 -14.11
C GLU A 73 -37.89 1.43 -12.64
N LEU A 74 -37.31 2.24 -11.77
CA LEU A 74 -37.23 1.88 -10.36
C LEU A 74 -38.56 1.97 -9.66
N GLU A 75 -39.36 2.95 -10.03
CA GLU A 75 -40.67 3.10 -9.42
C GLU A 75 -41.56 1.91 -9.81
N GLU A 76 -41.42 1.45 -11.04
CA GLU A 76 -42.21 0.36 -11.56
C GLU A 76 -41.96 -0.93 -10.81
N LYS A 77 -40.77 -1.04 -10.23
CA LYS A 77 -40.44 -2.16 -9.35
C LYS A 77 -40.77 -1.91 -7.87
N GLY A 78 -41.43 -0.82 -7.55
CA GLY A 78 -41.87 -0.58 -6.17
C GLY A 78 -40.80 0.09 -5.29
N TYR A 79 -39.77 0.65 -5.91
CA TYR A 79 -38.73 1.35 -5.17
C TYR A 79 -38.95 2.87 -5.18
N LYS A 80 -38.22 3.58 -4.32
CA LYS A 80 -38.33 5.04 -4.21
C LYS A 80 -37.18 5.71 -4.90
N ALA A 81 -37.46 6.72 -5.70
CA ALA A 81 -36.44 7.36 -6.53
C ALA A 81 -36.85 8.75 -6.94
N ALA A 82 -35.86 9.62 -7.13
CA ALA A 82 -36.08 10.97 -7.65
C ALA A 82 -34.90 11.39 -8.52
N VAL A 83 -35.13 12.40 -9.36
CA VAL A 83 -34.06 12.91 -10.24
C VAL A 83 -33.73 14.32 -9.83
N ILE A 84 -32.49 14.73 -10.09
CA ILE A 84 -32.08 16.04 -9.70
C ILE A 84 -30.96 16.55 -10.61
N LYS A 85 -31.21 17.70 -11.21
CA LYS A 85 -30.27 18.28 -12.15
C LYS A 85 -29.25 19.18 -11.47
N PHE A 86 -27.97 18.89 -11.67
CA PHE A 86 -26.91 19.83 -11.32
C PHE A 86 -25.57 19.35 -11.81
N ASP A 87 -24.60 20.26 -11.83
CA ASP A 87 -23.24 19.93 -12.19
C ASP A 87 -22.41 19.82 -10.93
N ALA A 88 -21.92 18.63 -10.64
CA ALA A 88 -21.23 18.35 -9.38
C ALA A 88 -19.92 19.12 -9.20
N ALA A 89 -19.32 19.47 -10.32
CA ALA A 89 -18.17 20.41 -10.36
C ALA A 89 -18.50 21.86 -9.96
N SER A 90 -19.76 22.26 -10.03
CA SER A 90 -20.18 23.57 -9.57
C SER A 90 -20.59 23.56 -8.10
N GLU A 91 -19.83 24.30 -7.29
CA GLU A 91 -20.11 24.52 -5.86
C GLU A 91 -21.55 24.91 -5.56
N SER A 92 -22.06 25.87 -6.31
CA SER A 92 -23.32 26.50 -5.99
C SER A 92 -24.52 25.59 -6.38
N ASP A 93 -24.37 24.88 -7.50
CA ASP A 93 -25.29 23.81 -7.93
C ASP A 93 -25.40 22.63 -6.94
N PHE A 94 -24.27 22.24 -6.35
CA PHE A 94 -24.23 21.15 -5.39
C PHE A 94 -24.89 21.55 -4.08
N ILE A 95 -24.61 22.77 -3.62
CA ILE A 95 -25.25 23.28 -2.40
C ILE A 95 -26.77 23.39 -2.59
N GLU A 96 -27.21 23.94 -3.72
CA GLU A 96 -28.65 24.06 -3.99
C GLU A 96 -29.29 22.67 -3.93
N ALA A 97 -28.69 21.70 -4.62
CA ALA A 97 -29.27 20.36 -4.74
C ALA A 97 -29.43 19.65 -3.38
N ILE A 98 -28.45 19.79 -2.51
CA ILE A 98 -28.60 19.30 -1.13
C ILE A 98 -29.73 20.03 -0.39
N GLN A 99 -29.81 21.35 -0.52
CA GLN A 99 -30.92 22.08 0.13
C GLN A 99 -32.26 21.53 -0.35
N THR A 100 -32.35 21.21 -1.63
CA THR A 100 -33.57 20.63 -2.16
C THR A 100 -33.88 19.29 -1.51
N ILE A 101 -32.87 18.41 -1.40
CA ILE A 101 -33.08 17.11 -0.76
C ILE A 101 -33.47 17.20 0.70
N VAL A 102 -32.78 18.06 1.46
CA VAL A 102 -33.11 18.24 2.87
C VAL A 102 -34.56 18.70 3.03
N GLN A 103 -34.96 19.62 2.15
CA GLN A 103 -36.35 20.13 2.12
C GLN A 103 -37.38 19.05 1.85
N SER A 104 -37.10 18.13 0.90
CA SER A 104 -38.06 17.05 0.57
C SER A 104 -38.08 15.94 1.59
N ASP A 105 -36.88 15.54 2.05
CA ASP A 105 -36.74 14.32 2.84
C ASP A 105 -36.42 14.57 4.32
N GLY A 106 -36.10 15.79 4.71
CA GLY A 106 -35.75 16.09 6.10
C GLY A 106 -34.27 16.00 6.42
N GLY A 107 -33.49 15.33 5.55
CA GLY A 107 -32.04 15.23 5.70
C GLY A 107 -31.45 14.38 4.59
N LEU A 108 -30.16 14.09 4.70
CA LEU A 108 -29.48 13.18 3.78
C LEU A 108 -28.53 12.29 4.55
N SER A 109 -28.74 10.98 4.47
CA SER A 109 -27.89 10.07 5.24
C SER A 109 -26.70 9.57 4.46
N TYR A 110 -26.83 9.45 3.16
CA TYR A 110 -25.80 8.78 2.34
C TYR A 110 -25.45 9.53 1.08
N LEU A 111 -24.19 9.49 0.69
CA LEU A 111 -23.75 10.15 -0.52
C LEU A 111 -22.75 9.32 -1.28
N VAL A 112 -22.89 9.31 -2.60
CA VAL A 112 -21.91 8.64 -3.45
C VAL A 112 -21.40 9.62 -4.50
N ASN A 113 -20.13 9.94 -4.38
CA ASN A 113 -19.46 10.78 -5.37
C ASN A 113 -18.98 9.88 -6.47
N ASN A 114 -19.70 9.92 -7.58
CA ASN A 114 -19.37 9.10 -8.72
C ASN A 114 -19.05 9.95 -9.96
N ALA A 115 -19.39 11.22 -9.97
CA ALA A 115 -19.22 12.06 -11.18
C ALA A 115 -17.78 11.93 -11.61
N GLY A 116 -17.58 11.62 -12.88
CA GLY A 116 -16.24 11.48 -13.43
C GLY A 116 -16.17 11.51 -14.96
N VAL A 117 -15.12 12.14 -15.45
CA VAL A 117 -14.83 12.19 -16.88
C VAL A 117 -13.40 11.73 -17.11
N VAL A 118 -13.11 11.35 -18.35
CA VAL A 118 -11.73 11.04 -18.74
C VAL A 118 -11.32 11.95 -19.89
N ARG A 119 -10.04 12.15 -20.05
CA ARG A 119 -9.51 12.82 -21.22
C ARG A 119 -8.06 12.40 -21.39
N ASP A 120 -7.90 11.15 -21.84
CA ASP A 120 -6.61 10.51 -21.97
C ASP A 120 -5.79 11.17 -23.08
N LYS A 121 -4.53 11.47 -22.75
CA LYS A 121 -3.53 12.03 -23.69
C LYS A 121 -2.18 11.69 -23.07
N LEU A 122 -1.17 11.52 -23.91
CA LEU A 122 0.16 11.38 -23.43
C LEU A 122 0.55 12.71 -22.83
N ALA A 123 1.29 12.67 -21.74
CA ALA A 123 1.56 13.87 -20.98
C ALA A 123 2.18 14.97 -21.84
N ILE A 124 3.09 14.60 -22.73
CA ILE A 124 3.76 15.59 -23.57
C ILE A 124 2.80 16.34 -24.48
N LYS A 125 1.67 15.72 -24.79
CA LYS A 125 0.66 16.39 -25.63
C LYS A 125 -0.37 17.12 -24.79
N MET A 126 -0.40 16.87 -23.50
CA MET A 126 -1.50 17.29 -22.65
C MET A 126 -1.31 18.74 -22.22
N LYS A 127 -2.36 19.51 -22.33
CA LYS A 127 -2.35 20.89 -21.88
C LYS A 127 -2.91 21.01 -20.47
N THR A 128 -2.52 22.10 -19.80
CA THR A 128 -3.02 22.42 -18.46
C THR A 128 -4.54 22.39 -18.35
N GLU A 129 -5.19 22.90 -19.37
CA GLU A 129 -6.64 22.90 -19.48
C GLU A 129 -7.20 21.47 -19.46
N ASP A 130 -6.54 20.55 -20.17
CA ASP A 130 -6.89 19.12 -20.13
C ASP A 130 -6.72 18.51 -18.75
N PHE A 131 -5.70 18.96 -18.03
CA PHE A 131 -5.47 18.51 -16.68
C PHE A 131 -6.52 19.05 -15.73
N HIS A 132 -6.74 20.37 -15.75
CA HIS A 132 -7.76 20.97 -14.90
C HIS A 132 -9.15 20.41 -15.16
N HIS A 133 -9.46 20.22 -16.43
CA HIS A 133 -10.76 19.69 -16.81
C HIS A 133 -11.09 18.41 -16.03
N VAL A 134 -10.15 17.49 -15.96
CA VAL A 134 -10.37 16.26 -15.21
C VAL A 134 -10.31 16.50 -13.68
N ILE A 135 -9.36 17.32 -13.25
CA ILE A 135 -9.26 17.65 -11.82
C ILE A 135 -10.57 18.30 -11.29
N ASP A 136 -11.06 19.33 -11.99
CA ASP A 136 -12.28 19.97 -11.57
C ASP A 136 -13.42 18.99 -11.58
N ASN A 137 -13.58 18.22 -12.64
CA ASN A 137 -14.71 17.32 -12.77
C ASN A 137 -14.69 16.09 -11.92
N ASN A 138 -13.51 15.63 -11.52
CA ASN A 138 -13.40 14.42 -10.73
C ASN A 138 -13.03 14.67 -9.26
N LEU A 139 -12.06 15.53 -9.01
CA LEU A 139 -11.54 15.72 -7.67
C LEU A 139 -12.22 16.86 -6.90
N THR A 140 -12.32 18.02 -7.53
CA THR A 140 -12.98 19.12 -6.93
C THR A 140 -14.42 18.77 -6.65
N SER A 141 -15.06 18.07 -7.59
CA SER A 141 -16.42 17.63 -7.41
C SER A 141 -16.53 16.78 -6.16
N ALA A 142 -15.61 15.86 -5.95
CA ALA A 142 -15.71 15.00 -4.78
C ALA A 142 -15.46 15.78 -3.50
N PHE A 143 -14.64 16.81 -3.61
CA PHE A 143 -14.35 17.65 -2.44
C PHE A 143 -15.58 18.40 -2.00
N ILE A 144 -16.26 19.02 -2.95
CA ILE A 144 -17.52 19.71 -2.69
C ILE A 144 -18.56 18.76 -2.10
N GLY A 145 -18.78 17.59 -2.75
CA GLY A 145 -19.74 16.60 -2.24
C GLY A 145 -19.41 16.19 -0.82
N CYS A 146 -18.14 15.88 -0.58
CA CYS A 146 -17.73 15.44 0.75
C CYS A 146 -17.90 16.53 1.76
N ARG A 147 -17.58 17.77 1.36
CA ARG A 147 -17.77 18.91 2.27
C ARG A 147 -19.24 19.08 2.69
N GLU A 148 -20.14 19.04 1.71
CA GLU A 148 -21.54 19.14 1.98
C GLU A 148 -22.07 18.02 2.82
N ALA A 149 -21.56 16.81 2.59
CA ALA A 149 -21.99 15.65 3.35
C ALA A 149 -21.73 15.90 4.82
N LEU A 150 -20.52 16.36 5.11
CA LEU A 150 -20.11 16.71 6.45
C LEU A 150 -21.01 17.81 7.08
N LYS A 151 -21.31 18.86 6.33
CA LYS A 151 -22.22 19.89 6.84
C LYS A 151 -23.58 19.30 7.21
N VAL A 152 -24.13 18.51 6.31
CA VAL A 152 -25.53 18.09 6.38
C VAL A 152 -25.72 16.90 7.27
N MET A 153 -24.69 16.09 7.42
CA MET A 153 -24.79 14.86 8.21
C MET A 153 -24.37 15.05 9.66
N SER A 154 -23.61 16.09 9.96
CA SER A 154 -23.16 16.32 11.34
C SER A 154 -24.30 16.54 12.34
N LYS A 155 -25.27 17.36 11.95
CA LYS A 155 -26.46 17.62 12.76
C LYS A 155 -26.97 16.33 13.39
N SER A 156 -27.23 15.33 12.54
CA SER A 156 -27.79 14.06 13.01
C SER A 156 -26.79 13.03 13.49
N ARG A 157 -25.50 13.36 13.50
CA ARG A 157 -24.45 12.48 14.02
C ARG A 157 -24.49 11.09 13.38
N PHE A 158 -24.73 11.07 12.07
CA PHE A 158 -24.80 9.82 11.31
C PHE A 158 -24.60 10.04 9.81
N GLY A 159 -23.76 9.23 9.19
CA GLY A 159 -23.66 9.24 7.73
C GLY A 159 -22.61 8.33 7.18
N SER A 160 -22.71 8.08 5.88
CA SER A 160 -21.67 7.37 5.18
C SER A 160 -21.54 7.88 3.77
N VAL A 161 -20.29 7.96 3.29
CA VAL A 161 -19.99 8.54 2.02
C VAL A 161 -19.04 7.63 1.29
N VAL A 162 -19.28 7.42 0.00
CA VAL A 162 -18.37 6.64 -0.78
C VAL A 162 -17.91 7.43 -1.97
N ASN A 163 -16.60 7.49 -2.14
CA ASN A 163 -16.00 8.08 -3.31
C ASN A 163 -15.69 7.01 -4.32
N VAL A 164 -16.25 7.07 -5.51
CA VAL A 164 -15.91 6.08 -6.54
C VAL A 164 -14.79 6.58 -7.41
N ALA A 165 -13.70 5.81 -7.36
CA ALA A 165 -12.45 6.19 -7.92
C ALA A 165 -12.08 5.15 -8.98
N SER A 166 -10.83 4.65 -8.99
CA SER A 166 -10.34 3.68 -10.01
C SER A 166 -9.01 3.05 -9.64
N ILE A 167 -8.78 1.83 -10.14
CA ILE A 167 -7.44 1.24 -10.15
C ILE A 167 -6.37 2.24 -10.65
N ILE A 168 -6.71 3.08 -11.63
CA ILE A 168 -5.77 4.06 -12.17
C ILE A 168 -5.27 4.97 -11.07
N GLY A 169 -6.14 5.26 -10.09
CA GLY A 169 -5.76 6.09 -8.97
C GLY A 169 -4.75 5.45 -8.04
N GLU A 170 -4.71 4.12 -8.02
CA GLU A 170 -3.75 3.37 -7.18
C GLU A 170 -2.43 3.05 -7.89
N ARG A 171 -2.51 2.76 -9.17
CA ARG A 171 -1.38 2.13 -9.82
C ARG A 171 -0.82 2.93 -11.02
N GLY A 172 -1.45 4.04 -11.35
CA GLY A 172 -1.08 4.83 -12.54
C GLY A 172 -1.49 4.20 -13.87
N ASN A 173 -1.30 4.93 -14.96
CA ASN A 173 -1.55 4.41 -16.33
C ASN A 173 -0.99 5.29 -17.47
N MET A 174 -0.47 4.60 -18.49
CA MET A 174 -0.02 5.25 -19.73
C MET A 174 -1.15 6.12 -20.29
N GLY A 175 -0.87 7.39 -20.51
CA GLY A 175 -1.86 8.30 -21.07
C GLY A 175 -2.89 8.86 -20.08
N GLN A 176 -2.70 8.64 -18.78
CA GLN A 176 -3.70 9.09 -17.81
C GLN A 176 -3.09 9.72 -16.58
N THR A 177 -2.17 10.66 -16.84
CA THR A 177 -1.60 11.46 -15.78
C THR A 177 -2.67 12.30 -15.08
N ASN A 178 -3.61 12.84 -15.84
CA ASN A 178 -4.69 13.55 -15.23
C ASN A 178 -5.71 12.67 -14.49
N TYR A 179 -6.14 11.54 -15.07
CA TYR A 179 -7.11 10.64 -14.36
C TYR A 179 -6.53 10.10 -13.08
N SER A 180 -5.32 9.55 -13.13
CA SER A 180 -4.67 8.98 -11.94
C SER A 180 -4.44 10.05 -10.87
N ALA A 181 -4.00 11.25 -11.26
CA ALA A 181 -3.90 12.37 -10.32
C ALA A 181 -5.23 12.63 -9.57
N SER A 182 -6.35 12.60 -10.31
CA SER A 182 -7.63 12.95 -9.74
C SER A 182 -8.17 11.84 -8.87
N LYS A 183 -7.86 10.61 -9.23
CA LYS A 183 -8.26 9.47 -8.40
C LYS A 183 -7.35 9.20 -7.22
N GLY A 184 -6.05 9.35 -7.43
CA GLY A 184 -5.11 9.26 -6.33
C GLY A 184 -5.50 10.31 -5.30
N GLY A 185 -5.82 11.51 -5.80
CA GLY A 185 -6.18 12.62 -4.93
C GLY A 185 -7.45 12.34 -4.16
N MET A 186 -8.44 11.84 -4.85
CA MET A 186 -9.68 11.45 -4.21
C MET A 186 -9.46 10.43 -3.08
N ILE A 187 -8.65 9.41 -3.32
CA ILE A 187 -8.40 8.38 -2.32
C ILE A 187 -7.75 9.00 -1.07
N ALA A 188 -6.71 9.80 -1.27
CA ALA A 188 -6.03 10.48 -0.19
C ALA A 188 -6.99 11.44 0.57
N MET A 189 -7.81 12.14 -0.19
CA MET A 189 -8.64 13.20 0.36
C MET A 189 -9.69 12.53 1.23
N SER A 190 -10.15 11.38 0.79
CA SER A 190 -11.26 10.71 1.45
C SER A 190 -10.86 10.28 2.84
N LYS A 191 -9.62 9.84 2.97
CA LYS A 191 -9.06 9.53 4.31
C LYS A 191 -9.07 10.74 5.22
N SER A 192 -8.65 11.89 4.70
CA SER A 192 -8.71 13.11 5.50
C SER A 192 -10.13 13.40 5.99
N PHE A 193 -11.10 13.25 5.12
CA PHE A 193 -12.48 13.42 5.50
C PHE A 193 -12.84 12.46 6.58
N ALA A 194 -12.35 11.23 6.47
CA ALA A 194 -12.68 10.17 7.43
C ALA A 194 -12.29 10.58 8.82
N TYR A 195 -11.14 11.21 8.93
CA TYR A 195 -10.69 11.76 10.21
C TYR A 195 -11.67 12.82 10.72
N GLU A 196 -12.13 13.70 9.83
CA GLU A 196 -12.96 14.82 10.23
C GLU A 196 -14.39 14.45 10.56
N GLY A 197 -14.88 13.36 9.99
CA GLY A 197 -16.25 12.95 10.26
C GLY A 197 -16.34 11.93 11.38
N ALA A 198 -15.21 11.45 11.87
CA ALA A 198 -15.18 10.25 12.73
C ALA A 198 -15.89 10.40 14.02
N LEU A 199 -15.62 11.49 14.75
CA LEU A 199 -16.27 11.70 16.06
C LEU A 199 -17.77 11.70 15.96
N ARG A 200 -18.29 12.21 14.84
CA ARG A 200 -19.75 12.36 14.64
C ARG A 200 -20.32 11.17 13.84
N ASN A 201 -19.58 10.07 13.78
CA ASN A 201 -20.04 8.85 13.11
C ASN A 201 -20.45 9.05 11.64
N ILE A 202 -19.64 9.86 10.95
CA ILE A 202 -19.76 10.04 9.52
C ILE A 202 -18.53 9.42 8.84
N ARG A 203 -18.74 8.30 8.17
CA ARG A 203 -17.67 7.48 7.62
C ARG A 203 -17.41 7.86 6.19
N PHE A 204 -16.15 7.80 5.79
CA PHE A 204 -15.75 8.04 4.39
C PHE A 204 -14.88 6.88 3.91
N ASN A 205 -15.25 6.34 2.75
CA ASN A 205 -14.50 5.28 2.13
C ASN A 205 -14.50 5.40 0.62
N SER A 206 -13.56 4.70 0.00
CA SER A 206 -13.37 4.73 -1.43
C SER A 206 -13.52 3.34 -2.04
N VAL A 207 -13.89 3.35 -3.30
CA VAL A 207 -13.93 2.17 -4.08
C VAL A 207 -13.10 2.41 -5.33
N THR A 208 -12.30 1.41 -5.73
CA THR A 208 -11.47 1.52 -6.90
C THR A 208 -11.75 0.33 -7.80
N PRO A 209 -12.76 0.49 -8.67
CA PRO A 209 -13.01 -0.43 -9.79
C PRO A 209 -11.82 -0.63 -10.72
N GLY A 210 -11.73 -1.83 -11.27
CA GLY A 210 -10.81 -2.13 -12.36
C GLY A 210 -11.49 -1.95 -13.69
N PHE A 211 -11.43 -2.97 -14.53
CA PHE A 211 -12.04 -2.92 -15.83
C PHE A 211 -13.44 -3.43 -15.70
N ILE A 212 -14.39 -2.54 -15.96
CA ILE A 212 -15.79 -2.86 -15.79
C ILE A 212 -16.45 -2.80 -17.14
N GLU A 213 -17.31 -3.78 -17.43
CA GLU A 213 -18.03 -3.85 -18.70
C GLU A 213 -18.75 -2.50 -18.92
N THR A 214 -18.66 -1.98 -20.14
CA THR A 214 -19.27 -0.68 -20.47
C THR A 214 -18.58 0.44 -19.71
N ASP A 227 -9.66 -9.19 -24.46
CA ASP A 227 -8.45 -8.51 -24.89
C ASP A 227 -7.51 -8.25 -23.71
N TYR A 228 -7.90 -7.28 -22.89
CA TYR A 228 -7.18 -6.88 -21.66
C TYR A 228 -7.61 -7.72 -20.43
N VAL A 229 -8.66 -8.53 -20.59
CA VAL A 229 -9.06 -9.62 -19.67
C VAL A 229 -7.92 -10.57 -19.26
N LYS A 230 -6.89 -10.71 -20.10
CA LYS A 230 -5.81 -11.65 -19.83
C LYS A 230 -5.03 -11.35 -18.55
N ASN A 231 -4.94 -10.08 -18.18
CA ASN A 231 -4.22 -9.68 -16.97
C ASN A 231 -5.11 -9.71 -15.72
N ILE A 232 -6.39 -10.08 -15.86
CA ILE A 232 -7.28 -10.18 -14.73
C ILE A 232 -7.39 -11.63 -14.25
N PRO A 233 -6.96 -11.92 -13.02
CA PRO A 233 -7.02 -13.29 -12.53
C PRO A 233 -8.37 -13.97 -12.70
N LEU A 234 -9.46 -13.28 -12.36
CA LEU A 234 -10.81 -13.79 -12.60
C LEU A 234 -11.14 -13.92 -14.09
N ASN A 235 -10.31 -13.36 -14.96
CA ASN A 235 -10.35 -13.62 -16.39
C ASN A 235 -11.73 -13.22 -16.97
N ARG A 236 -12.25 -12.08 -16.51
CA ARG A 236 -13.43 -11.50 -17.08
C ARG A 236 -13.51 -10.06 -16.62
N LEU A 237 -14.31 -9.26 -17.30
CA LEU A 237 -14.60 -7.89 -16.83
C LEU A 237 -15.63 -7.98 -15.73
N GLY A 238 -15.60 -6.99 -14.84
CA GLY A 238 -16.58 -6.89 -13.76
C GLY A 238 -17.81 -6.23 -14.30
N SER A 239 -18.95 -6.51 -13.70
CA SER A 239 -20.17 -5.78 -14.01
C SER A 239 -20.22 -4.51 -13.17
N ALA A 240 -20.96 -3.55 -13.67
CA ALA A 240 -21.33 -2.40 -12.89
C ALA A 240 -21.97 -2.85 -11.56
N LYS A 241 -22.74 -3.92 -11.60
CA LYS A 241 -23.35 -4.46 -10.40
C LYS A 241 -22.36 -4.83 -9.28
N GLU A 242 -21.29 -5.50 -9.65
CA GLU A 242 -20.30 -5.90 -8.69
C GLU A 242 -19.70 -4.68 -8.00
N VAL A 243 -19.50 -3.60 -8.72
CA VAL A 243 -19.04 -2.40 -8.10
C VAL A 243 -20.13 -1.82 -7.20
N ALA A 244 -21.34 -1.80 -7.75
CA ALA A 244 -22.47 -1.20 -7.05
C ALA A 244 -22.72 -1.84 -5.68
N GLU A 245 -22.48 -3.15 -5.57
CA GLU A 245 -22.74 -3.87 -4.34
C GLU A 245 -21.67 -3.68 -3.30
N ALA A 246 -20.48 -3.33 -3.73
CA ALA A 246 -19.41 -2.96 -2.79
C ALA A 246 -19.66 -1.56 -2.21
N VAL A 247 -20.13 -0.66 -3.04
CA VAL A 247 -20.50 0.68 -2.59
C VAL A 247 -21.55 0.54 -1.53
N ALA A 248 -22.54 -0.31 -1.80
CA ALA A 248 -23.63 -0.50 -0.88
C ALA A 248 -23.12 -1.00 0.48
N PHE A 249 -22.23 -1.98 0.46
CA PHE A 249 -21.68 -2.51 1.70
C PHE A 249 -21.07 -1.38 2.49
N LEU A 250 -20.28 -0.56 1.83
CA LEU A 250 -19.56 0.51 2.54
C LEU A 250 -20.51 1.59 3.09
N LEU A 251 -21.65 1.78 2.45
CA LEU A 251 -22.68 2.63 3.02
C LEU A 251 -23.46 1.92 4.14
N SER A 252 -23.61 0.60 4.07
CA SER A 252 -24.51 -0.14 4.96
C SER A 252 -24.00 -0.13 6.37
N ASP A 253 -24.87 -0.43 7.33
CA ASP A 253 -24.48 -0.57 8.75
C ASP A 253 -23.45 -1.72 8.94
N HIS A 254 -23.37 -2.64 7.98
CA HIS A 254 -22.46 -3.76 8.08
C HIS A 254 -21.01 -3.36 8.13
N SER A 255 -20.69 -2.15 7.67
CA SER A 255 -19.33 -1.71 7.59
C SER A 255 -19.06 -0.62 8.61
N SER A 256 -19.74 -0.69 9.77
CA SER A 256 -19.81 0.48 10.70
C SER A 256 -18.52 0.77 11.43
N TYR A 257 -17.62 -0.20 11.48
CA TYR A 257 -16.31 0.09 12.04
C TYR A 257 -15.27 0.33 10.96
N ILE A 258 -15.71 0.66 9.73
CA ILE A 258 -14.81 0.82 8.57
C ILE A 258 -14.87 2.23 8.03
N THR A 259 -13.73 2.89 8.05
CA THR A 259 -13.66 4.25 7.54
C THR A 259 -12.23 4.50 7.17
N GLY A 260 -12.05 5.34 6.15
CA GLY A 260 -10.72 5.66 5.66
C GLY A 260 -10.09 4.55 4.86
N GLU A 261 -10.90 3.57 4.42
CA GLU A 261 -10.42 2.43 3.66
C GLU A 261 -10.71 2.63 2.15
N THR A 262 -9.86 2.02 1.34
CA THR A 262 -10.08 1.86 -0.06
C THR A 262 -10.38 0.41 -0.34
N LEU A 263 -11.50 0.16 -0.97
CA LEU A 263 -11.92 -1.20 -1.38
C LEU A 263 -11.75 -1.43 -2.88
N LYS A 264 -10.83 -2.32 -3.22
CA LYS A 264 -10.52 -2.64 -4.63
C LYS A 264 -11.54 -3.61 -5.16
N VAL A 265 -12.07 -3.30 -6.33
CA VAL A 265 -13.06 -4.12 -6.96
C VAL A 265 -12.58 -4.30 -8.35
N ASN A 266 -11.54 -5.13 -8.51
CA ASN A 266 -10.81 -5.24 -9.77
C ASN A 266 -10.49 -6.67 -10.26
N GLY A 267 -11.11 -7.69 -9.65
CA GLY A 267 -10.89 -9.08 -10.06
C GLY A 267 -9.50 -9.66 -9.84
N GLY A 268 -8.74 -9.05 -8.94
CA GLY A 268 -7.35 -9.47 -8.66
C GLY A 268 -6.29 -8.76 -9.52
N LEU A 269 -6.72 -7.79 -10.31
CA LEU A 269 -5.84 -7.11 -11.25
C LEU A 269 -4.74 -6.38 -10.51
N TYR A 270 -5.08 -5.88 -9.34
CA TYR A 270 -4.13 -5.23 -8.49
C TYR A 270 -4.38 -5.68 -7.10
N MET A 271 -3.34 -6.14 -6.42
CA MET A 271 -3.46 -6.57 -5.01
C MET A 271 -2.50 -5.88 -4.00
N MET B 25 27.82 10.17 -4.54
CA MET B 25 26.92 9.47 -5.51
C MET B 25 27.21 9.79 -6.99
N GLN B 26 26.93 8.83 -7.88
CA GLN B 26 27.26 8.91 -9.30
C GLN B 26 26.06 9.46 -10.13
N PHE B 27 26.37 10.45 -10.95
CA PHE B 27 25.40 11.02 -11.85
C PHE B 27 25.92 10.99 -13.26
N THR B 28 25.22 10.28 -14.13
CA THR B 28 25.50 10.37 -15.56
C THR B 28 25.12 11.74 -16.07
N GLY B 29 24.02 12.29 -15.56
CA GLY B 29 23.58 13.63 -15.96
C GLY B 29 24.42 14.76 -15.38
N LYS B 30 24.26 15.96 -15.93
CA LYS B 30 25.18 17.06 -15.64
C LYS B 30 24.50 18.22 -14.88
N ASN B 31 23.17 18.37 -15.01
CA ASN B 31 22.45 19.51 -14.41
C ASN B 31 21.06 19.20 -13.91
N VAL B 32 20.55 20.06 -13.07
CA VAL B 32 19.28 19.79 -12.41
C VAL B 32 18.47 21.07 -12.14
N LEU B 33 17.18 21.03 -12.42
CA LEU B 33 16.30 22.11 -12.09
C LEU B 33 15.51 21.74 -10.85
N ILE B 34 15.53 22.61 -9.86
CA ILE B 34 14.80 22.39 -8.60
C ILE B 34 13.79 23.49 -8.44
N THR B 35 12.50 23.15 -8.36
CA THR B 35 11.49 24.20 -8.19
C THR B 35 11.35 24.54 -6.70
N GLY B 36 10.98 25.77 -6.40
CA GLY B 36 10.94 26.20 -5.03
C GLY B 36 12.23 25.89 -4.29
N ALA B 37 13.37 26.26 -4.90
CA ALA B 37 14.68 25.97 -4.32
C ALA B 37 15.28 27.03 -3.42
N SER B 38 14.56 28.08 -3.12
CA SER B 38 15.17 29.18 -2.37
C SER B 38 15.58 28.79 -0.96
N LYS B 39 14.72 28.03 -0.30
CA LYS B 39 14.85 27.85 1.11
C LYS B 39 14.30 26.49 1.52
N GLY B 40 14.46 26.17 2.81
CA GLY B 40 14.00 24.95 3.39
C GLY B 40 14.57 23.75 2.66
N ILE B 41 13.70 22.85 2.25
CA ILE B 41 14.08 21.60 1.66
C ILE B 41 14.66 21.80 0.27
N GLY B 42 14.03 22.65 -0.51
CA GLY B 42 14.51 22.93 -1.86
C GLY B 42 15.93 23.45 -1.85
N ALA B 43 16.25 24.31 -0.88
CA ALA B 43 17.60 24.84 -0.78
C ALA B 43 18.59 23.74 -0.50
N GLU B 44 18.29 22.90 0.47
CA GLU B 44 19.19 21.76 0.76
C GLU B 44 19.37 20.79 -0.43
N ILE B 45 18.31 20.55 -1.19
CA ILE B 45 18.46 19.76 -2.38
C ILE B 45 19.50 20.40 -3.30
N ALA B 46 19.39 21.70 -3.50
CA ALA B 46 20.37 22.44 -4.31
C ALA B 46 21.80 22.32 -3.79
N LYS B 47 21.99 22.47 -2.48
CA LYS B 47 23.33 22.32 -1.88
C LYS B 47 23.88 20.96 -2.05
N THR B 48 23.07 19.98 -1.68
CA THR B 48 23.49 18.61 -1.77
C THR B 48 23.92 18.29 -3.21
N LEU B 49 23.06 18.57 -4.16
CA LEU B 49 23.32 18.21 -5.54
C LEU B 49 24.48 18.98 -6.12
N ALA B 50 24.61 20.26 -5.75
CA ALA B 50 25.78 21.08 -6.17
C ALA B 50 27.11 20.50 -5.65
N SER B 51 27.10 19.95 -4.44
CA SER B 51 28.33 19.43 -3.87
C SER B 51 28.73 18.08 -4.51
N MET B 52 27.79 17.42 -5.16
CA MET B 52 28.05 16.17 -5.86
C MET B 52 28.32 16.40 -7.36
N GLY B 53 28.57 17.65 -7.76
CA GLY B 53 29.07 17.98 -9.11
C GLY B 53 28.02 18.39 -10.15
N LEU B 54 26.76 18.46 -9.77
CA LEU B 54 25.73 18.85 -10.70
C LEU B 54 25.60 20.37 -10.74
N LYS B 55 25.35 20.91 -11.92
CA LYS B 55 25.00 22.28 -12.05
C LYS B 55 23.54 22.44 -11.63
N VAL B 56 23.30 23.20 -10.58
CA VAL B 56 21.94 23.35 -10.03
C VAL B 56 21.29 24.63 -10.54
N TRP B 57 20.03 24.52 -10.98
CA TRP B 57 19.20 25.68 -11.34
C TRP B 57 18.20 25.90 -10.24
N ILE B 58 18.25 27.08 -9.62
CA ILE B 58 17.51 27.41 -8.39
C ILE B 58 16.30 28.26 -8.76
N ASN B 59 15.15 27.62 -8.94
CA ASN B 59 13.92 28.34 -9.23
C ASN B 59 13.45 29.06 -8.00
N TYR B 60 13.07 30.31 -8.18
CA TYR B 60 12.37 31.02 -7.14
C TYR B 60 11.20 31.68 -7.79
N ARG B 61 10.18 31.93 -6.96
CA ARG B 61 8.93 32.57 -7.41
C ARG B 61 8.97 34.04 -7.09
N SER B 62 9.41 34.41 -5.88
CA SER B 62 9.22 35.77 -5.35
C SER B 62 10.53 36.45 -4.94
N ASN B 63 11.21 35.92 -3.92
CA ASN B 63 12.39 36.60 -3.31
C ASN B 63 13.73 36.34 -4.03
N ALA B 64 14.16 37.31 -4.82
CA ALA B 64 15.42 37.23 -5.51
C ALA B 64 16.64 37.13 -4.59
N GLU B 65 16.62 37.85 -3.47
CA GLU B 65 17.80 38.02 -2.63
C GLU B 65 18.26 36.73 -1.99
N VAL B 66 17.30 35.98 -1.46
CA VAL B 66 17.60 34.68 -0.85
C VAL B 66 18.13 33.65 -1.88
N ALA B 67 17.56 33.64 -3.08
CA ALA B 67 18.00 32.77 -4.15
C ALA B 67 19.40 33.11 -4.66
N ASP B 68 19.67 34.38 -4.84
CA ASP B 68 20.96 34.77 -5.30
C ASP B 68 22.00 34.54 -4.22
N ALA B 69 21.65 34.68 -2.95
CA ALA B 69 22.60 34.44 -1.86
C ALA B 69 22.98 32.97 -1.85
N LEU B 70 22.00 32.11 -2.13
CA LEU B 70 22.27 30.69 -2.26
C LEU B 70 23.21 30.37 -3.42
N LYS B 71 22.93 30.98 -4.57
CA LYS B 71 23.78 30.79 -5.75
C LYS B 71 25.18 31.22 -5.48
N ASN B 72 25.30 32.36 -4.85
CA ASN B 72 26.60 32.87 -4.48
C ASN B 72 27.33 31.96 -3.53
N GLU B 73 26.64 31.45 -2.52
CA GLU B 73 27.26 30.60 -1.53
C GLU B 73 27.88 29.40 -2.25
N LEU B 74 27.15 28.84 -3.21
CA LEU B 74 27.57 27.64 -3.87
C LEU B 74 28.71 27.91 -4.82
N GLU B 75 28.68 29.09 -5.45
CA GLU B 75 29.78 29.47 -6.34
C GLU B 75 31.08 29.66 -5.57
N GLU B 76 30.96 30.22 -4.38
CA GLU B 76 32.12 30.51 -3.56
C GLU B 76 32.82 29.24 -3.11
N LYS B 77 32.06 28.13 -3.07
CA LYS B 77 32.63 26.80 -2.85
C LYS B 77 33.09 26.09 -4.11
N GLY B 78 33.03 26.75 -5.26
CA GLY B 78 33.53 26.15 -6.51
C GLY B 78 32.51 25.29 -7.24
N TYR B 79 31.25 25.38 -6.85
CA TYR B 79 30.20 24.56 -7.48
C TYR B 79 29.55 25.39 -8.56
N LYS B 80 28.78 24.72 -9.40
CA LYS B 80 28.11 25.38 -10.51
C LYS B 80 26.61 25.54 -10.19
N ALA B 81 26.11 26.77 -10.36
CA ALA B 81 24.76 27.15 -9.90
C ALA B 81 24.24 28.33 -10.65
N ALA B 82 22.93 28.36 -10.84
CA ALA B 82 22.23 29.43 -11.50
C ALA B 82 20.88 29.63 -10.88
N VAL B 83 20.31 30.79 -11.11
CA VAL B 83 19.05 31.17 -10.55
C VAL B 83 18.03 31.42 -11.66
N ILE B 84 16.76 31.18 -11.40
CA ILE B 84 15.79 31.34 -12.46
C ILE B 84 14.41 31.63 -11.90
N LYS B 85 13.82 32.76 -12.30
CA LYS B 85 12.50 33.15 -11.81
C LYS B 85 11.40 32.55 -12.68
N PHE B 86 10.49 31.81 -12.08
CA PHE B 86 9.24 31.51 -12.74
C PHE B 86 8.28 30.88 -11.77
N ASP B 87 7.01 30.91 -12.15
CA ASP B 87 5.98 30.36 -11.34
C ASP B 87 5.66 29.00 -11.89
N ALA B 88 5.98 27.98 -11.10
CA ALA B 88 5.88 26.61 -11.54
C ALA B 88 4.45 26.22 -11.85
N ALA B 89 3.50 26.89 -11.23
CA ALA B 89 2.07 26.75 -11.53
C ALA B 89 1.69 27.28 -12.93
N SER B 90 2.50 28.16 -13.50
CA SER B 90 2.20 28.75 -14.82
C SER B 90 2.86 27.98 -15.96
N GLU B 91 2.03 27.38 -16.79
CA GLU B 91 2.47 26.62 -17.94
C GLU B 91 3.49 27.35 -18.82
N SER B 92 3.22 28.63 -19.13
CA SER B 92 4.03 29.39 -20.11
C SER B 92 5.38 29.81 -19.52
N ASP B 93 5.38 30.15 -18.24
CA ASP B 93 6.60 30.40 -17.45
C ASP B 93 7.53 29.18 -17.35
N PHE B 94 6.95 27.99 -17.16
CA PHE B 94 7.74 26.78 -17.00
C PHE B 94 8.39 26.42 -18.33
N ILE B 95 7.63 26.58 -19.42
CA ILE B 95 8.17 26.31 -20.73
C ILE B 95 9.30 27.27 -21.11
N GLU B 96 9.11 28.56 -20.85
CA GLU B 96 10.16 29.54 -21.10
C GLU B 96 11.43 29.17 -20.31
N ALA B 97 11.29 28.88 -19.01
CA ALA B 97 12.44 28.59 -18.18
C ALA B 97 13.25 27.41 -18.71
N ILE B 98 12.56 26.36 -19.15
CA ILE B 98 13.28 25.22 -19.71
C ILE B 98 14.02 25.63 -20.97
N GLN B 99 13.37 26.40 -21.82
CA GLN B 99 14.04 26.90 -23.01
C GLN B 99 15.31 27.63 -22.66
N THR B 100 15.25 28.43 -21.60
CA THR B 100 16.43 29.12 -21.13
C THR B 100 17.55 28.14 -20.72
N ILE B 101 17.20 27.11 -19.96
CA ILE B 101 18.20 26.10 -19.56
C ILE B 101 18.81 25.34 -20.74
N VAL B 102 17.96 24.88 -21.66
CA VAL B 102 18.42 24.14 -22.79
C VAL B 102 19.40 24.99 -23.59
N GLN B 103 19.07 26.25 -23.71
CA GLN B 103 19.91 27.22 -24.38
C GLN B 103 21.26 27.42 -23.73
N SER B 104 21.31 27.49 -22.40
CA SER B 104 22.60 27.66 -21.70
C SER B 104 23.43 26.36 -21.64
N ASP B 105 22.76 25.24 -21.37
CA ASP B 105 23.43 23.99 -21.03
C ASP B 105 23.33 22.89 -22.09
N GLY B 106 22.49 23.07 -23.11
CA GLY B 106 22.37 22.09 -24.17
C GLY B 106 21.28 21.09 -23.92
N GLY B 107 20.82 20.97 -22.67
CA GLY B 107 19.72 20.08 -22.30
C GLY B 107 19.46 20.14 -20.79
N LEU B 108 18.61 19.25 -20.31
CA LEU B 108 18.37 19.10 -18.88
C LEU B 108 18.25 17.59 -18.50
N SER B 109 19.10 17.10 -17.60
CA SER B 109 19.06 15.70 -17.21
C SER B 109 18.19 15.38 -16.01
N TYR B 110 18.04 16.32 -15.09
CA TYR B 110 17.34 16.04 -13.82
C TYR B 110 16.38 17.13 -13.42
N LEU B 111 15.29 16.74 -12.76
CA LEU B 111 14.31 17.72 -12.30
C LEU B 111 13.73 17.34 -10.98
N VAL B 112 13.53 18.36 -10.13
CA VAL B 112 12.89 18.12 -8.83
C VAL B 112 11.75 19.07 -8.65
N ASN B 113 10.56 18.50 -8.60
CA ASN B 113 9.35 19.25 -8.33
C ASN B 113 9.15 19.36 -6.86
N ASN B 114 9.48 20.52 -6.34
CA ASN B 114 9.40 20.78 -4.94
C ASN B 114 8.43 21.88 -4.60
N ALA B 115 8.06 22.70 -5.58
CA ALA B 115 7.19 23.85 -5.32
C ALA B 115 5.98 23.37 -4.55
N GLY B 116 5.69 23.97 -3.40
CA GLY B 116 4.59 23.52 -2.58
C GLY B 116 4.18 24.52 -1.51
N VAL B 117 2.88 24.63 -1.29
CA VAL B 117 2.32 25.49 -0.25
C VAL B 117 1.35 24.69 0.61
N VAL B 118 1.06 25.19 1.81
CA VAL B 118 0.02 24.61 2.65
C VAL B 118 -1.02 25.68 2.96
N ARG B 119 -2.23 25.24 3.23
CA ARG B 119 -3.26 26.12 3.72
C ARG B 119 -4.28 25.27 4.47
N ASP B 120 -3.84 24.80 5.64
CA ASP B 120 -4.63 23.92 6.50
C ASP B 120 -5.85 24.63 7.07
N LYS B 121 -6.98 23.95 6.98
CA LYS B 121 -8.20 24.38 7.59
C LYS B 121 -9.13 23.17 7.64
N LEU B 122 -10.07 23.19 8.58
CA LEU B 122 -11.05 22.15 8.66
C LEU B 122 -11.92 22.26 7.44
N ALA B 123 -12.33 21.12 6.90
CA ALA B 123 -13.04 21.11 5.63
C ALA B 123 -14.28 22.01 5.66
N ILE B 124 -15.03 22.00 6.75
CA ILE B 124 -16.21 22.87 6.84
C ILE B 124 -15.89 24.39 6.79
N LYS B 125 -14.67 24.78 7.13
CA LYS B 125 -14.26 26.18 7.01
C LYS B 125 -13.63 26.46 5.66
N MET B 126 -13.27 25.42 4.93
CA MET B 126 -12.48 25.56 3.72
C MET B 126 -13.32 25.95 2.52
N LYS B 127 -12.84 26.95 1.79
CA LYS B 127 -13.50 27.36 0.55
C LYS B 127 -12.84 26.68 -0.64
N THR B 128 -13.59 26.59 -1.73
CA THR B 128 -13.09 26.06 -2.99
C THR B 128 -11.80 26.71 -3.46
N GLU B 129 -11.71 28.02 -3.25
CA GLU B 129 -10.53 28.81 -3.54
C GLU B 129 -9.30 28.30 -2.73
N ASP B 130 -9.53 27.97 -1.47
CA ASP B 130 -8.49 27.38 -0.64
C ASP B 130 -8.03 26.01 -1.16
N PHE B 131 -8.97 25.23 -1.69
CA PHE B 131 -8.68 23.94 -2.25
C PHE B 131 -7.91 24.10 -3.55
N HIS B 132 -8.40 24.93 -4.46
CA HIS B 132 -7.69 25.16 -5.72
C HIS B 132 -6.30 25.71 -5.53
N HIS B 133 -6.18 26.67 -4.61
CA HIS B 133 -4.93 27.29 -4.34
C HIS B 133 -3.83 26.24 -4.10
N VAL B 134 -4.12 25.24 -3.28
CA VAL B 134 -3.15 24.18 -3.01
C VAL B 134 -3.02 23.19 -4.19
N ILE B 135 -4.13 22.86 -4.84
CA ILE B 135 -4.09 22.01 -6.02
C ILE B 135 -3.25 22.61 -7.15
N ASP B 136 -3.53 23.85 -7.51
CA ASP B 136 -2.78 24.48 -8.57
C ASP B 136 -1.31 24.58 -8.18
N ASN B 137 -1.01 24.99 -6.96
CA ASN B 137 0.39 25.23 -6.61
C ASN B 137 1.20 24.00 -6.36
N ASN B 138 0.56 22.92 -5.96
CA ASN B 138 1.27 21.68 -5.64
C ASN B 138 1.15 20.62 -6.72
N LEU B 139 -0.06 20.41 -7.23
CA LEU B 139 -0.30 19.27 -8.11
C LEU B 139 -0.16 19.66 -9.56
N THR B 140 -0.83 20.73 -9.95
CA THR B 140 -0.73 21.18 -11.32
C THR B 140 0.71 21.53 -11.64
N SER B 141 1.39 22.17 -10.69
CA SER B 141 2.77 22.51 -10.92
C SER B 141 3.63 21.30 -11.17
N ALA B 142 3.41 20.23 -10.41
CA ALA B 142 4.18 19.01 -10.63
C ALA B 142 3.85 18.37 -11.95
N PHE B 143 2.61 18.53 -12.39
CA PHE B 143 2.21 18.00 -13.68
C PHE B 143 2.95 18.70 -14.80
N ILE B 144 2.98 20.01 -14.74
CA ILE B 144 3.68 20.77 -15.78
C ILE B 144 5.16 20.39 -15.80
N GLY B 145 5.78 20.41 -14.64
CA GLY B 145 7.22 20.07 -14.55
C GLY B 145 7.53 18.69 -15.12
N CYS B 146 6.73 17.74 -14.71
CA CYS B 146 6.90 16.42 -15.20
C CYS B 146 6.71 16.37 -16.70
N ARG B 147 5.73 17.09 -17.21
CA ARG B 147 5.47 17.08 -18.67
C ARG B 147 6.67 17.59 -19.45
N GLU B 148 7.19 18.73 -19.03
CA GLU B 148 8.36 19.32 -19.65
C GLU B 148 9.60 18.47 -19.53
N ALA B 149 9.76 17.77 -18.42
CA ALA B 149 10.86 16.88 -18.24
C ALA B 149 10.85 15.85 -19.35
N LEU B 150 9.68 15.25 -19.53
CA LEU B 150 9.47 14.26 -20.55
C LEU B 150 9.79 14.80 -21.96
N LYS B 151 9.33 16.01 -22.27
CA LYS B 151 9.63 16.61 -23.57
C LYS B 151 11.11 16.77 -23.79
N VAL B 152 11.77 17.28 -22.78
CA VAL B 152 13.16 17.71 -22.87
C VAL B 152 14.17 16.58 -22.65
N MET B 153 13.78 15.56 -21.91
CA MET B 153 14.68 14.43 -21.65
C MET B 153 14.52 13.26 -22.65
N SER B 154 13.41 13.18 -23.39
CA SER B 154 13.22 12.07 -24.35
C SER B 154 14.25 12.01 -25.46
N LYS B 155 14.55 13.17 -26.03
CA LYS B 155 15.55 13.31 -27.10
C LYS B 155 16.78 12.48 -26.74
N SER B 156 17.35 12.76 -25.58
CA SER B 156 18.57 12.09 -25.13
C SER B 156 18.38 10.75 -24.41
N ARG B 157 17.15 10.26 -24.29
CA ARG B 157 16.88 8.94 -23.73
C ARG B 157 17.49 8.69 -22.36
N PHE B 158 17.43 9.73 -21.55
CA PHE B 158 17.95 9.68 -20.21
C PHE B 158 17.31 10.74 -19.34
N GLY B 159 16.93 10.36 -18.12
CA GLY B 159 16.53 11.36 -17.14
C GLY B 159 16.06 10.77 -15.84
N SER B 160 15.99 11.63 -14.83
CA SER B 160 15.31 11.25 -13.57
C SER B 160 14.63 12.44 -12.93
N VAL B 161 13.46 12.22 -12.35
CA VAL B 161 12.60 13.28 -11.88
C VAL B 161 12.05 12.87 -10.51
N VAL B 162 12.10 13.79 -9.56
CA VAL B 162 11.60 13.49 -8.21
C VAL B 162 10.55 14.49 -7.81
N ASN B 163 9.39 13.97 -7.42
CA ASN B 163 8.30 14.76 -6.92
C ASN B 163 8.36 14.77 -5.40
N VAL B 164 8.58 15.93 -4.80
CA VAL B 164 8.62 16.02 -3.34
C VAL B 164 7.27 16.37 -2.78
N ALA B 165 6.80 15.54 -1.86
N ALA B 165 6.74 15.38 -2.05
CA ALA B 165 5.55 15.92 -1.14
CA ALA B 165 5.34 15.30 -1.63
C ALA B 165 5.73 17.20 -0.19
C ALA B 165 5.32 15.41 -0.13
N SER B 166 4.75 17.45 0.67
N SER B 166 4.59 14.57 0.59
CA SER B 166 4.85 18.58 1.60
CA SER B 166 4.54 14.68 2.08
C SER B 166 5.27 18.10 3.00
C SER B 166 3.58 13.67 2.71
N MET B 174 -6.31 15.22 9.93
CA MET B 174 -7.15 16.38 10.37
C MET B 174 -6.72 17.82 9.92
N GLY B 175 -7.62 18.53 9.22
CA GLY B 175 -7.36 19.83 8.67
C GLY B 175 -6.58 19.91 7.36
N GLN B 176 -6.36 18.79 6.69
CA GLN B 176 -5.54 18.79 5.47
C GLN B 176 -6.17 17.97 4.33
N THR B 177 -7.43 18.23 4.07
CA THR B 177 -8.11 17.67 2.92
C THR B 177 -7.48 18.17 1.63
N ASN B 178 -7.11 19.45 1.55
CA ASN B 178 -6.48 19.96 0.32
C ASN B 178 -5.05 19.49 0.15
N TYR B 179 -4.27 19.46 1.23
CA TYR B 179 -2.87 18.99 1.13
C TYR B 179 -2.82 17.53 0.76
N SER B 180 -3.54 16.67 1.48
CA SER B 180 -3.55 15.22 1.20
C SER B 180 -4.08 14.92 -0.22
N ALA B 181 -5.12 15.61 -0.67
CA ALA B 181 -5.55 15.54 -2.05
C ALA B 181 -4.39 15.80 -3.04
N SER B 182 -3.62 16.87 -2.81
CA SER B 182 -2.63 17.30 -3.79
C SER B 182 -1.46 16.34 -3.76
N LYS B 183 -1.18 15.78 -2.60
CA LYS B 183 -0.05 14.88 -2.46
C LYS B 183 -0.40 13.46 -2.87
N GLY B 184 -1.60 13.02 -2.52
CA GLY B 184 -2.10 11.78 -3.01
C GLY B 184 -2.10 11.81 -4.53
N GLY B 185 -2.56 12.91 -5.08
CA GLY B 185 -2.59 13.09 -6.50
C GLY B 185 -1.21 13.04 -7.11
N MET B 186 -0.26 13.77 -6.55
CA MET B 186 1.12 13.77 -7.02
C MET B 186 1.71 12.35 -7.07
N ILE B 187 1.49 11.59 -6.02
CA ILE B 187 2.05 10.25 -5.90
C ILE B 187 1.47 9.38 -7.00
N ALA B 188 0.16 9.44 -7.20
CA ALA B 188 -0.51 8.67 -8.23
C ALA B 188 -0.09 9.11 -9.61
N MET B 189 0.01 10.41 -9.81
CA MET B 189 0.35 10.98 -11.09
C MET B 189 1.77 10.61 -11.46
N SER B 190 2.66 10.61 -10.50
CA SER B 190 4.04 10.31 -10.76
C SER B 190 4.21 8.93 -11.36
N LYS B 191 3.44 7.98 -10.85
CA LYS B 191 3.48 6.62 -11.37
C LYS B 191 3.07 6.61 -12.81
N SER B 192 2.02 7.34 -13.15
CA SER B 192 1.61 7.45 -14.57
C SER B 192 2.72 8.03 -15.43
N PHE B 193 3.42 9.04 -14.94
CA PHE B 193 4.61 9.53 -15.63
C PHE B 193 5.71 8.44 -15.79
N ALA B 194 5.93 7.66 -14.75
CA ALA B 194 6.90 6.61 -14.78
C ALA B 194 6.62 5.62 -15.91
N TYR B 195 5.36 5.31 -16.14
CA TYR B 195 4.97 4.51 -17.29
C TYR B 195 5.40 5.15 -18.59
N GLU B 196 5.12 6.45 -18.70
CA GLU B 196 5.29 7.17 -19.95
C GLU B 196 6.74 7.50 -20.26
N GLY B 197 7.59 7.59 -19.26
CA GLY B 197 9.00 7.80 -19.48
C GLY B 197 9.86 6.53 -19.55
N ALA B 198 9.26 5.39 -19.23
CA ALA B 198 10.01 4.17 -19.00
C ALA B 198 10.81 3.71 -20.21
N LEU B 199 10.19 3.68 -21.39
CA LEU B 199 10.87 3.19 -22.59
C LEU B 199 12.10 3.99 -22.92
N ARG B 200 12.06 5.27 -22.59
CA ARG B 200 13.17 6.16 -22.85
C ARG B 200 14.05 6.40 -21.64
N ASN B 201 14.00 5.50 -20.68
CA ASN B 201 14.84 5.58 -19.52
C ASN B 201 14.79 6.95 -18.79
N ILE B 202 13.56 7.44 -18.65
CA ILE B 202 13.26 8.58 -17.86
C ILE B 202 12.45 8.09 -16.67
N ARG B 203 13.09 8.11 -15.49
CA ARG B 203 12.49 7.60 -14.26
C ARG B 203 11.73 8.69 -13.52
N PHE B 204 10.59 8.33 -12.91
CA PHE B 204 9.83 9.23 -12.02
C PHE B 204 9.61 8.56 -10.67
N ASN B 205 9.91 9.29 -9.60
CA ASN B 205 9.74 8.81 -8.25
C ASN B 205 9.34 9.93 -7.34
N SER B 206 8.80 9.53 -6.18
CA SER B 206 8.32 10.45 -5.17
C SER B 206 9.01 10.28 -3.84
N VAL B 207 9.04 11.38 -3.12
CA VAL B 207 9.52 11.40 -1.76
C VAL B 207 8.41 12.00 -0.87
N THR B 208 8.16 11.39 0.27
CA THR B 208 7.15 11.88 1.22
C THR B 208 7.81 12.11 2.58
N PRO B 209 8.37 13.32 2.80
CA PRO B 209 8.85 13.76 4.09
C PRO B 209 7.80 13.72 5.16
N GLY B 210 8.23 13.49 6.40
CA GLY B 210 7.40 13.69 7.56
C GLY B 210 7.54 15.10 8.15
N PHE B 211 7.80 15.17 9.45
CA PHE B 211 8.03 16.42 10.11
C PHE B 211 9.51 16.75 9.95
N ILE B 212 9.80 17.82 9.23
CA ILE B 212 11.13 18.27 9.02
C ILE B 212 11.38 19.63 9.71
N GLU B 213 12.53 19.78 10.35
CA GLU B 213 12.88 21.00 11.04
C GLU B 213 12.57 22.29 10.25
N THR B 214 11.94 23.25 10.93
CA THR B 214 11.72 24.65 10.47
C THR B 214 12.59 25.55 11.33
N VAL B 229 7.05 15.26 17.95
CA VAL B 229 8.19 14.36 18.10
C VAL B 229 7.82 13.04 18.80
N LYS B 230 6.86 13.08 19.72
CA LYS B 230 6.51 11.89 20.51
C LYS B 230 5.99 10.73 19.66
N ASN B 231 5.35 11.03 18.53
CA ASN B 231 4.82 10.00 17.63
C ASN B 231 5.83 9.54 16.60
N ILE B 232 7.04 10.09 16.62
CA ILE B 232 8.07 9.69 15.68
C ILE B 232 9.00 8.69 16.35
N PRO B 233 9.05 7.46 15.83
CA PRO B 233 9.90 6.44 16.48
C PRO B 233 11.33 6.87 16.69
N LEU B 234 11.95 7.50 15.70
CA LEU B 234 13.29 8.10 15.87
C LEU B 234 13.33 9.27 16.85
N ASN B 235 12.17 9.74 17.24
CA ASN B 235 12.05 10.66 18.35
C ASN B 235 12.84 11.95 18.09
N ARG B 236 12.77 12.44 16.87
CA ARG B 236 13.35 13.72 16.51
C ARG B 236 12.80 14.15 15.18
N LEU B 237 12.93 15.43 14.87
CA LEU B 237 12.55 15.94 13.56
C LEU B 237 13.69 15.61 12.60
N GLY B 238 13.35 15.47 11.32
CA GLY B 238 14.35 15.25 10.33
C GLY B 238 14.93 16.58 9.95
N SER B 239 16.16 16.60 9.46
CA SER B 239 16.70 17.77 8.77
C SER B 239 16.28 17.82 7.28
N ALA B 240 16.28 19.01 6.73
CA ALA B 240 16.18 19.17 5.32
C ALA B 240 17.23 18.34 4.57
N LYS B 241 18.42 18.23 5.15
CA LYS B 241 19.52 17.42 4.57
C LYS B 241 19.13 15.93 4.37
N GLU B 242 18.46 15.37 5.35
CA GLU B 242 18.03 13.98 5.25
C GLU B 242 17.03 13.77 4.13
N VAL B 243 16.15 14.72 3.90
CA VAL B 243 15.29 14.65 2.72
C VAL B 243 16.05 14.85 1.43
N ALA B 244 16.92 15.85 1.44
CA ALA B 244 17.71 16.19 0.26
C ALA B 244 18.58 15.01 -0.24
N GLU B 245 19.13 14.23 0.66
CA GLU B 245 19.98 13.10 0.25
C GLU B 245 19.18 11.93 -0.31
N ALA B 246 17.91 11.79 0.06
CA ALA B 246 17.05 10.77 -0.49
C ALA B 246 16.61 11.14 -1.89
N VAL B 247 16.33 12.42 -2.10
CA VAL B 247 16.10 12.91 -3.45
C VAL B 247 17.28 12.56 -4.34
N ALA B 248 18.47 12.86 -3.84
CA ALA B 248 19.69 12.71 -4.62
C ALA B 248 19.86 11.25 -5.06
N PHE B 249 19.66 10.33 -4.10
CA PHE B 249 19.70 8.89 -4.41
C PHE B 249 18.77 8.58 -5.58
N LEU B 250 17.54 9.08 -5.51
CA LEU B 250 16.56 8.75 -6.51
C LEU B 250 16.89 9.35 -7.88
N LEU B 251 17.62 10.47 -7.90
CA LEU B 251 18.12 11.03 -9.15
C LEU B 251 19.39 10.26 -9.60
N SER B 252 20.19 9.73 -8.66
CA SER B 252 21.49 9.20 -8.97
C SER B 252 21.37 7.93 -9.80
N ASP B 253 22.44 7.56 -10.49
CA ASP B 253 22.50 6.30 -11.24
C ASP B 253 22.27 5.09 -10.30
N HIS B 254 22.48 5.28 -8.99
CA HIS B 254 22.34 4.18 -8.02
C HIS B 254 20.96 3.59 -7.95
N SER B 255 19.95 4.35 -8.39
CA SER B 255 18.58 3.94 -8.28
C SER B 255 18.01 3.64 -9.66
N SER B 256 18.84 3.12 -10.57
CA SER B 256 18.49 3.06 -11.99
C SER B 256 17.42 2.01 -12.30
N TYR B 257 17.19 1.06 -11.40
CA TYR B 257 16.07 0.15 -11.60
C TYR B 257 14.86 0.51 -10.78
N ILE B 258 14.80 1.78 -10.32
CA ILE B 258 13.73 2.25 -9.45
C ILE B 258 12.92 3.37 -10.10
N THR B 259 11.65 3.11 -10.32
CA THR B 259 10.79 4.09 -10.94
C THR B 259 9.38 3.77 -10.52
N GLY B 260 8.57 4.81 -10.39
CA GLY B 260 7.19 4.65 -9.94
C GLY B 260 7.07 4.40 -8.48
N GLU B 261 8.14 4.66 -7.71
CA GLU B 261 8.17 4.37 -6.27
C GLU B 261 8.01 5.61 -5.45
N THR B 262 7.49 5.43 -4.23
CA THR B 262 7.41 6.46 -3.21
C THR B 262 8.32 6.13 -2.06
N LEU B 263 9.24 7.05 -1.75
CA LEU B 263 10.21 6.87 -0.67
C LEU B 263 9.83 7.73 0.51
N LYS B 264 9.50 7.09 1.61
CA LYS B 264 9.10 7.78 2.83
C LYS B 264 10.34 8.19 3.60
N VAL B 265 10.35 9.43 4.03
CA VAL B 265 11.48 9.99 4.77
C VAL B 265 10.87 10.68 5.97
N ASN B 266 10.42 9.90 6.94
CA ASN B 266 9.56 10.38 8.02
C ASN B 266 9.92 9.85 9.42
N GLY B 267 11.08 9.25 9.58
CA GLY B 267 11.51 8.68 10.87
C GLY B 267 10.70 7.53 11.48
N GLY B 268 9.95 6.82 10.65
CA GLY B 268 9.07 5.76 11.11
C GLY B 268 7.66 6.20 11.45
N LEU B 269 7.34 7.48 11.21
CA LEU B 269 6.03 8.04 11.58
C LEU B 269 4.88 7.35 10.84
N TYR B 270 5.12 6.95 9.60
CA TYR B 270 4.18 6.13 8.80
C TYR B 270 4.98 4.97 8.16
N MET C 25 29.17 6.67 -1.32
CA MET C 25 28.26 6.88 -0.17
C MET C 25 28.97 6.87 1.21
N GLN C 26 28.38 7.58 2.16
CA GLN C 26 28.93 7.86 3.48
C GLN C 26 28.47 6.81 4.50
N PHE C 27 29.42 6.17 5.17
CA PHE C 27 29.11 5.20 6.22
C PHE C 27 29.81 5.57 7.50
N THR C 28 29.04 5.83 8.54
CA THR C 28 29.59 6.01 9.84
C THR C 28 30.09 4.69 10.37
N GLY C 29 29.35 3.62 10.08
CA GLY C 29 29.77 2.27 10.47
C GLY C 29 30.94 1.73 9.64
N LYS C 30 31.54 0.66 10.14
CA LYS C 30 32.79 0.20 9.62
C LYS C 30 32.74 -1.22 8.97
N ASN C 31 31.76 -2.04 9.35
CA ASN C 31 31.65 -3.41 8.84
C ASN C 31 30.22 -3.90 8.65
N VAL C 32 30.08 -4.96 7.89
CA VAL C 32 28.76 -5.44 7.54
C VAL C 32 28.74 -6.97 7.40
N LEU C 33 27.68 -7.57 7.94
CA LEU C 33 27.45 -8.99 7.71
C LEU C 33 26.35 -9.15 6.66
N ILE C 34 26.61 -9.97 5.65
CA ILE C 34 25.65 -10.28 4.62
C ILE C 34 25.40 -11.78 4.61
N THR C 35 24.15 -12.20 4.84
CA THR C 35 23.82 -13.60 4.80
C THR C 35 23.58 -14.03 3.39
N GLY C 36 23.86 -15.29 3.09
CA GLY C 36 23.76 -15.78 1.70
C GLY C 36 24.49 -14.89 0.72
N ALA C 37 25.73 -14.57 1.06
CA ALA C 37 26.54 -13.64 0.24
C ALA C 37 27.42 -14.29 -0.83
N SER C 38 27.33 -15.59 -1.01
CA SER C 38 28.26 -16.28 -1.90
C SER C 38 28.09 -15.87 -3.35
N LYS C 39 26.84 -15.66 -3.75
CA LYS C 39 26.53 -15.50 -5.15
C LYS C 39 25.29 -14.66 -5.37
N GLY C 40 24.98 -14.42 -6.63
CA GLY C 40 23.82 -13.65 -7.03
C GLY C 40 23.81 -12.28 -6.37
N ILE C 41 22.69 -11.94 -5.78
CA ILE C 41 22.48 -10.63 -5.20
C ILE C 41 23.36 -10.40 -3.97
N GLY C 42 23.48 -11.40 -3.12
CA GLY C 42 24.29 -11.33 -1.95
C GLY C 42 25.74 -11.03 -2.28
N ALA C 43 26.25 -11.66 -3.34
CA ALA C 43 27.63 -11.42 -3.76
C ALA C 43 27.81 -9.95 -4.17
N GLU C 44 26.90 -9.44 -4.99
CA GLU C 44 26.99 -8.04 -5.41
C GLU C 44 26.88 -7.06 -4.25
N ILE C 45 26.05 -7.36 -3.26
CA ILE C 45 26.01 -6.52 -2.10
C ILE C 45 27.40 -6.44 -1.47
N ALA C 46 28.04 -7.59 -1.34
CA ALA C 46 29.38 -7.65 -0.78
C ALA C 46 30.38 -6.83 -1.59
N LYS C 47 30.36 -6.96 -2.91
CA LYS C 47 31.29 -6.20 -3.77
C LYS C 47 31.05 -4.73 -3.66
N THR C 48 29.80 -4.34 -3.81
CA THR C 48 29.44 -2.96 -3.68
C THR C 48 29.92 -2.40 -2.37
N LEU C 49 29.53 -3.04 -1.26
CA LEU C 49 29.82 -2.49 0.06
C LEU C 49 31.30 -2.49 0.35
N ALA C 50 32.00 -3.50 -0.15
CA ALA C 50 33.46 -3.54 -0.02
C ALA C 50 34.13 -2.36 -0.73
N SER C 51 33.59 -1.97 -1.88
CA SER C 51 34.22 -0.95 -2.70
C SER C 51 34.01 0.44 -2.09
N MET C 52 33.04 0.55 -1.19
CA MET C 52 32.75 1.77 -0.46
C MET C 52 33.37 1.78 0.93
N GLY C 53 34.32 0.87 1.17
CA GLY C 53 35.19 0.95 2.37
C GLY C 53 34.74 0.18 3.60
N LEU C 54 33.66 -0.59 3.49
CA LEU C 54 33.21 -1.41 4.59
C LEU C 54 33.90 -2.76 4.54
N LYS C 55 34.23 -3.26 5.72
CA LYS C 55 34.71 -4.58 5.83
C LYS C 55 33.51 -5.50 5.73
N VAL C 56 33.53 -6.38 4.75
CA VAL C 56 32.42 -7.23 4.49
C VAL C 56 32.64 -8.66 5.01
N TRP C 57 31.60 -9.19 5.66
CA TRP C 57 31.60 -10.57 6.13
C TRP C 57 30.66 -11.36 5.27
N ILE C 58 31.20 -12.36 4.58
CA ILE C 58 30.53 -13.09 3.53
C ILE C 58 30.03 -14.42 4.07
N ASN C 59 28.80 -14.46 4.53
CA ASN C 59 28.24 -15.72 5.03
C ASN C 59 28.00 -16.71 3.88
N TYR C 60 28.41 -17.95 4.09
CA TYR C 60 28.03 -19.06 3.20
C TYR C 60 27.62 -20.22 4.07
N ARG C 61 26.81 -21.10 3.48
CA ARG C 61 26.28 -22.25 4.17
C ARG C 61 27.05 -23.52 3.85
N SER C 62 27.38 -23.70 2.57
CA SER C 62 27.88 -24.98 2.07
C SER C 62 29.23 -24.88 1.35
N ASN C 63 29.27 -24.15 0.23
CA ASN C 63 30.45 -24.10 -0.65
C ASN C 63 31.50 -23.07 -0.25
N ALA C 64 32.57 -23.55 0.37
CA ALA C 64 33.68 -22.69 0.77
C ALA C 64 34.41 -22.04 -0.42
N GLU C 65 34.54 -22.77 -1.52
CA GLU C 65 35.39 -22.34 -2.63
C GLU C 65 34.86 -21.05 -3.29
N VAL C 66 33.57 -21.00 -3.53
CA VAL C 66 32.96 -19.82 -4.14
C VAL C 66 33.10 -18.58 -3.24
N ALA C 67 32.91 -18.77 -1.93
CA ALA C 67 32.98 -17.70 -0.97
C ALA C 67 34.41 -17.21 -0.83
N ASP C 68 35.36 -18.15 -0.84
CA ASP C 68 36.78 -17.81 -0.73
C ASP C 68 37.25 -17.07 -1.99
N ALA C 69 36.71 -17.47 -3.14
CA ALA C 69 37.10 -16.84 -4.40
C ALA C 69 36.62 -15.40 -4.41
N LEU C 70 35.43 -15.16 -3.88
CA LEU C 70 34.92 -13.80 -3.71
C LEU C 70 35.79 -12.98 -2.75
N LYS C 71 36.10 -13.55 -1.60
CA LYS C 71 36.93 -12.86 -0.61
C LYS C 71 38.28 -12.49 -1.21
N ASN C 72 38.85 -13.43 -1.92
CA ASN C 72 40.12 -13.26 -2.59
C ASN C 72 40.06 -12.14 -3.58
N GLU C 73 39.02 -12.15 -4.39
CA GLU C 73 38.86 -11.15 -5.41
C GLU C 73 38.87 -9.76 -4.78
N LEU C 74 38.16 -9.62 -3.66
CA LEU C 74 37.99 -8.33 -3.02
C LEU C 74 39.27 -7.89 -2.34
N GLU C 75 40.00 -8.84 -1.76
CA GLU C 75 41.28 -8.50 -1.13
C GLU C 75 42.32 -8.07 -2.13
N GLU C 76 42.32 -8.70 -3.28
CA GLU C 76 43.24 -8.33 -4.33
C GLU C 76 43.04 -6.92 -4.84
N LYS C 77 41.80 -6.40 -4.73
CA LYS C 77 41.49 -5.00 -5.02
C LYS C 77 41.72 -4.07 -3.84
N GLY C 78 42.24 -4.56 -2.73
CA GLY C 78 42.60 -3.69 -1.61
C GLY C 78 41.46 -3.45 -0.64
N TYR C 79 40.40 -4.24 -0.76
CA TYR C 79 39.24 -4.10 0.09
C TYR C 79 39.33 -5.06 1.24
N LYS C 80 38.50 -4.85 2.24
CA LYS C 80 38.49 -5.69 3.45
C LYS C 80 37.32 -6.66 3.43
N ALA C 81 37.61 -7.94 3.67
CA ALA C 81 36.65 -8.99 3.50
C ALA C 81 37.04 -10.23 4.28
N ALA C 82 36.01 -10.94 4.74
CA ALA C 82 36.18 -12.20 5.44
C ALA C 82 35.00 -13.09 5.09
N VAL C 83 35.20 -14.40 5.28
CA VAL C 83 34.16 -15.40 5.03
C VAL C 83 33.74 -16.01 6.36
N ILE C 84 32.51 -16.48 6.44
CA ILE C 84 32.04 -17.01 7.70
C ILE C 84 30.94 -18.02 7.44
N LYS C 85 31.18 -19.25 7.88
CA LYS C 85 30.26 -20.35 7.65
C LYS C 85 29.22 -20.42 8.73
N PHE C 86 27.96 -20.36 8.34
CA PHE C 86 26.87 -20.71 9.25
C PHE C 86 25.59 -20.82 8.51
N ASP C 87 24.63 -21.47 9.13
CA ASP C 87 23.29 -21.58 8.59
C ASP C 87 22.41 -20.56 9.28
N ALA C 88 21.94 -19.58 8.51
CA ALA C 88 21.20 -18.41 9.07
C ALA C 88 19.90 -18.80 9.69
N ALA C 89 19.37 -19.93 9.23
CA ALA C 89 18.20 -20.57 9.84
C ALA C 89 18.43 -21.19 11.23
N SER C 90 19.68 -21.47 11.57
CA SER C 90 20.03 -21.96 12.91
C SER C 90 20.38 -20.85 13.88
N GLU C 91 19.55 -20.72 14.89
CA GLU C 91 19.73 -19.75 15.98
C GLU C 91 21.13 -19.73 16.56
N SER C 92 21.68 -20.90 16.86
CA SER C 92 22.92 -21.02 17.62
C SER C 92 24.11 -20.66 16.72
N ASP C 93 24.04 -21.09 15.47
CA ASP C 93 25.03 -20.72 14.44
C ASP C 93 25.12 -19.22 14.19
N PHE C 94 23.96 -18.53 14.21
CA PHE C 94 23.93 -17.11 13.95
C PHE C 94 24.50 -16.36 15.13
N ILE C 95 24.15 -16.77 16.34
CA ILE C 95 24.71 -16.15 17.52
C ILE C 95 26.22 -16.30 17.54
N GLU C 96 26.70 -17.51 17.27
CA GLU C 96 28.13 -17.74 17.32
C GLU C 96 28.81 -16.79 16.34
N ALA C 97 28.30 -16.71 15.12
CA ALA C 97 28.93 -15.96 14.06
C ALA C 97 29.04 -14.46 14.40
N ILE C 98 27.99 -13.89 14.99
CA ILE C 98 28.09 -12.55 15.48
C ILE C 98 29.12 -12.39 16.58
N GLN C 99 29.15 -13.32 17.51
CA GLN C 99 30.15 -13.28 18.54
C GLN C 99 31.52 -13.24 17.88
N THR C 100 31.70 -14.01 16.82
CA THR C 100 33.01 -14.05 16.15
C THR C 100 33.36 -12.69 15.58
N ILE C 101 32.41 -12.08 14.90
CA ILE C 101 32.62 -10.75 14.32
C ILE C 101 32.92 -9.67 15.37
N VAL C 102 32.14 -9.64 16.45
CA VAL C 102 32.37 -8.68 17.53
C VAL C 102 33.79 -8.85 18.06
N GLN C 103 34.19 -10.09 18.25
CA GLN C 103 35.50 -10.43 18.73
C GLN C 103 36.62 -9.97 17.78
N SER C 104 36.46 -10.09 16.45
CA SER C 104 37.50 -9.64 15.50
C SER C 104 37.53 -8.12 15.30
N ASP C 105 36.33 -7.54 15.20
CA ASP C 105 36.19 -6.14 14.75
C ASP C 105 35.76 -5.17 15.85
N GLY C 106 35.35 -5.66 17.00
CA GLY C 106 34.97 -4.78 18.12
C GLY C 106 33.48 -4.52 18.18
N GLY C 107 32.77 -4.77 17.08
CA GLY C 107 31.32 -4.61 17.02
C GLY C 107 30.82 -4.90 15.60
N LEU C 108 29.52 -4.67 15.38
CA LEU C 108 28.93 -4.83 14.07
C LEU C 108 27.96 -3.68 13.81
N SER C 109 28.23 -2.87 12.80
CA SER C 109 27.42 -1.72 12.50
C SER C 109 26.28 -2.01 11.51
N TYR C 110 26.47 -2.96 10.59
CA TYR C 110 25.48 -3.18 9.54
C TYR C 110 25.17 -4.63 9.29
N LEU C 111 23.94 -4.92 8.92
CA LEU C 111 23.54 -6.29 8.63
C LEU C 111 22.59 -6.37 7.48
N VAL C 112 22.81 -7.36 6.63
CA VAL C 112 21.91 -7.61 5.49
C VAL C 112 21.42 -9.05 5.52
N ASN C 113 20.12 -9.20 5.77
CA ASN C 113 19.47 -10.48 5.73
C ASN C 113 19.08 -10.75 4.33
N ASN C 114 19.84 -11.61 3.68
CA ASN C 114 19.60 -11.95 2.30
C ASN C 114 19.34 -13.43 2.14
N ALA C 115 19.66 -14.26 3.13
CA ALA C 115 19.54 -15.73 2.97
C ALA C 115 18.14 -16.03 2.52
N GLY C 116 18.01 -16.77 1.42
CA GLY C 116 16.70 -17.05 0.86
C GLY C 116 16.72 -18.18 -0.14
N VAL C 117 15.69 -19.02 -0.05
CA VAL C 117 15.50 -20.11 -0.97
C VAL C 117 14.12 -20.01 -1.57
N VAL C 118 13.93 -20.68 -2.69
CA VAL C 118 12.59 -20.80 -3.27
C VAL C 118 12.27 -22.29 -3.38
N ARG C 119 10.98 -22.57 -3.35
CA ARG C 119 10.49 -23.91 -3.67
C ARG C 119 9.06 -23.78 -4.14
N ASP C 120 8.94 -23.24 -5.36
CA ASP C 120 7.64 -22.99 -5.97
C ASP C 120 6.93 -24.30 -6.21
N LYS C 121 5.65 -24.31 -5.84
CA LYS C 121 4.71 -25.38 -6.16
C LYS C 121 3.35 -24.75 -6.16
N LEU C 122 2.41 -25.31 -6.93
CA LEU C 122 1.03 -24.95 -6.76
C LEU C 122 0.60 -25.41 -5.36
N ALA C 123 -0.22 -24.61 -4.70
CA ALA C 123 -0.59 -24.90 -3.34
C ALA C 123 -1.16 -26.31 -3.18
N ILE C 124 -2.02 -26.75 -4.11
CA ILE C 124 -2.63 -28.09 -3.99
C ILE C 124 -1.62 -29.23 -4.06
N LYS C 125 -0.43 -28.97 -4.61
CA LYS C 125 0.65 -29.96 -4.62
C LYS C 125 1.62 -29.80 -3.48
N MET C 126 1.54 -28.68 -2.78
CA MET C 126 2.54 -28.30 -1.79
C MET C 126 2.28 -29.00 -0.48
N LYS C 127 3.34 -29.53 0.10
CA LYS C 127 3.28 -30.09 1.42
C LYS C 127 3.69 -29.07 2.47
N THR C 128 3.21 -29.30 3.69
CA THR C 128 3.59 -28.48 4.84
C THR C 128 5.11 -28.32 5.00
N GLU C 129 5.83 -29.40 4.74
CA GLU C 129 7.28 -29.44 4.77
C GLU C 129 7.89 -28.46 3.76
N ASP C 130 7.30 -28.40 2.57
CA ASP C 130 7.66 -27.41 1.56
C ASP C 130 7.40 -25.96 2.02
N PHE C 131 6.31 -25.76 2.75
CA PHE C 131 5.98 -24.46 3.30
C PHE C 131 6.97 -24.06 4.42
N HIS C 132 7.16 -24.94 5.39
CA HIS C 132 8.11 -24.67 6.43
C HIS C 132 9.50 -24.43 5.92
N HIS C 133 9.92 -25.26 4.98
CA HIS C 133 11.25 -25.16 4.41
C HIS C 133 11.57 -23.71 4.00
N VAL C 134 10.64 -23.06 3.32
CA VAL C 134 10.84 -21.70 2.91
C VAL C 134 10.67 -20.72 4.09
N ILE C 135 9.67 -20.95 4.95
CA ILE C 135 9.47 -20.10 6.12
C ILE C 135 10.72 -20.09 7.02
N ASP C 136 11.24 -21.27 7.34
CA ASP C 136 12.41 -21.34 8.22
C ASP C 136 13.58 -20.67 7.52
N ASN C 137 13.80 -20.95 6.26
CA ASN C 137 15.00 -20.43 5.59
C ASN C 137 14.96 -18.97 5.27
N ASN C 138 13.76 -18.40 5.10
CA ASN C 138 13.62 -17.02 4.67
C ASN C 138 13.18 -16.10 5.77
N LEU C 139 12.18 -16.53 6.51
CA LEU C 139 11.55 -15.64 7.50
C LEU C 139 12.14 -15.77 8.89
N THR C 140 12.23 -17.00 9.37
CA THR C 140 12.86 -17.25 10.66
C THR C 140 14.28 -16.75 10.64
N SER C 141 14.99 -17.01 9.54
CA SER C 141 16.35 -16.57 9.43
C SER C 141 16.43 -15.05 9.57
N ALA C 142 15.55 -14.32 8.93
CA ALA C 142 15.60 -12.89 9.06
C ALA C 142 15.25 -12.42 10.48
N PHE C 143 14.38 -13.17 11.15
CA PHE C 143 14.00 -12.84 12.50
C PHE C 143 15.21 -12.96 13.43
N ILE C 144 15.92 -14.06 13.34
CA ILE C 144 17.12 -14.25 14.10
C ILE C 144 18.13 -13.14 13.84
N GLY C 145 18.43 -12.89 12.56
CA GLY C 145 19.42 -11.88 12.21
C GLY C 145 19.01 -10.53 12.80
N CYS C 146 17.76 -10.16 12.61
CA CYS C 146 17.30 -8.90 13.09
C CYS C 146 17.40 -8.85 14.60
N ARG C 147 17.06 -9.96 15.26
CA ARG C 147 17.13 -9.97 16.73
C ARG C 147 18.56 -9.69 17.22
N GLU C 148 19.51 -10.39 16.62
CA GLU C 148 20.91 -10.24 16.98
C GLU C 148 21.44 -8.86 16.70
N ALA C 149 20.98 -8.27 15.60
CA ALA C 149 21.41 -6.93 15.20
C ALA C 149 21.05 -5.98 16.32
N LEU C 150 19.81 -6.11 16.80
CA LEU C 150 19.32 -5.34 17.91
C LEU C 150 20.15 -5.53 19.19
N LYS C 151 20.44 -6.77 19.55
CA LYS C 151 21.29 -7.02 20.72
C LYS C 151 22.66 -6.34 20.61
N VAL C 152 23.29 -6.49 19.45
CA VAL C 152 24.67 -6.12 19.26
C VAL C 152 24.88 -4.64 18.91
N MET C 153 23.86 -4.03 18.31
CA MET C 153 23.96 -2.65 17.91
C MET C 153 23.42 -1.70 18.98
N SER C 154 22.63 -2.16 19.93
CA SER C 154 22.04 -1.26 20.94
C SER C 154 23.09 -0.59 21.83
N LYS C 155 24.06 -1.38 22.28
CA LYS C 155 25.13 -0.88 23.13
C LYS C 155 25.62 0.45 22.57
N SER C 156 26.01 0.45 21.30
CA SER C 156 26.62 1.64 20.68
C SER C 156 25.63 2.62 20.09
N ARG C 157 24.32 2.38 20.23
CA ARG C 157 23.28 3.36 19.81
C ARG C 157 23.40 3.72 18.31
N PHE C 158 23.73 2.75 17.48
CA PHE C 158 23.91 2.97 16.07
C PHE C 158 23.79 1.67 15.27
N GLY C 159 23.04 1.71 14.19
CA GLY C 159 23.04 0.59 13.26
C GLY C 159 22.07 0.75 12.14
N SER C 160 22.25 -0.08 11.12
CA SER C 160 21.25 -0.18 10.05
C SER C 160 21.17 -1.61 9.52
N VAL C 161 19.96 -2.07 9.22
CA VAL C 161 19.71 -3.43 8.85
C VAL C 161 18.79 -3.46 7.64
N VAL C 162 19.11 -4.28 6.64
CA VAL C 162 18.29 -4.37 5.46
C VAL C 162 17.85 -5.81 5.21
N ASN C 163 16.55 -5.99 5.07
CA ASN C 163 15.96 -7.29 4.79
C ASN C 163 15.67 -7.36 3.32
N VAL C 164 16.34 -8.27 2.63
CA VAL C 164 16.14 -8.38 1.19
C VAL C 164 15.03 -9.38 0.95
N ALA C 165 13.95 -8.86 0.37
CA ALA C 165 12.72 -9.58 0.21
C ALA C 165 12.45 -9.72 -1.28
N SER C 166 11.24 -9.41 -1.77
CA SER C 166 10.86 -9.53 -3.19
C SER C 166 9.56 -8.90 -3.48
N ILE C 167 9.40 -8.47 -4.72
CA ILE C 167 8.06 -8.10 -5.21
C ILE C 167 6.98 -9.15 -4.88
N ILE C 168 7.35 -10.45 -4.89
CA ILE C 168 6.39 -11.53 -4.59
C ILE C 168 5.74 -11.28 -3.23
N GLY C 169 6.52 -10.71 -2.30
CA GLY C 169 6.05 -10.47 -0.95
C GLY C 169 5.00 -9.36 -0.88
N GLU C 170 5.04 -8.46 -1.89
CA GLU C 170 4.07 -7.36 -1.99
C GLU C 170 2.83 -7.73 -2.80
N ARG C 171 3.00 -8.50 -3.88
CA ARG C 171 1.84 -8.73 -4.75
C ARG C 171 1.38 -10.20 -4.80
N GLY C 172 2.12 -11.10 -4.16
CA GLY C 172 1.82 -12.54 -4.21
C GLY C 172 2.19 -13.11 -5.56
N ASN C 173 1.99 -14.41 -5.75
CA ASN C 173 2.23 -15.05 -7.06
C ASN C 173 1.71 -16.49 -7.19
N MET C 174 1.19 -16.82 -8.38
CA MET C 174 0.84 -18.17 -8.77
C MET C 174 2.03 -19.11 -8.56
N GLY C 175 1.82 -20.15 -7.77
CA GLY C 175 2.88 -21.07 -7.41
C GLY C 175 3.83 -20.65 -6.29
N GLN C 176 3.56 -19.55 -5.61
CA GLN C 176 4.46 -19.08 -4.56
C GLN C 176 3.72 -18.58 -3.31
N THR C 177 2.81 -19.43 -2.84
CA THR C 177 2.17 -19.23 -1.59
C THR C 177 3.21 -19.24 -0.46
N ASN C 178 4.19 -20.14 -0.51
CA ASN C 178 5.22 -20.14 0.56
C ASN C 178 6.24 -18.98 0.44
N TYR C 179 6.67 -18.64 -0.78
CA TYR C 179 7.58 -17.50 -0.93
C TYR C 179 6.93 -16.19 -0.52
N SER C 180 5.75 -15.90 -1.04
CA SER C 180 5.04 -14.69 -0.67
C SER C 180 4.80 -14.58 0.83
N ALA C 181 4.32 -15.66 1.43
CA ALA C 181 4.15 -15.69 2.84
C ALA C 181 5.43 -15.22 3.57
N SER C 182 6.57 -15.74 3.16
CA SER C 182 7.79 -15.53 3.88
C SER C 182 8.30 -14.09 3.61
N LYS C 183 8.01 -13.55 2.44
CA LYS C 183 8.40 -12.19 2.11
C LYS C 183 7.44 -11.14 2.62
N GLY C 184 6.15 -11.45 2.54
CA GLY C 184 5.16 -10.60 3.18
C GLY C 184 5.47 -10.52 4.66
N GLY C 185 5.76 -11.67 5.25
CA GLY C 185 6.10 -11.72 6.67
C GLY C 185 7.32 -10.89 7.01
N MET C 186 8.37 -11.04 6.22
CA MET C 186 9.57 -10.25 6.39
C MET C 186 9.32 -8.72 6.40
N ILE C 187 8.55 -8.26 5.45
CA ILE C 187 8.30 -6.86 5.26
C ILE C 187 7.55 -6.32 6.45
N ALA C 188 6.51 -7.03 6.88
CA ALA C 188 5.78 -6.66 8.07
C ALA C 188 6.64 -6.71 9.33
N MET C 189 7.43 -7.77 9.46
CA MET C 189 8.24 -7.99 10.65
C MET C 189 9.27 -6.89 10.77
N SER C 190 9.83 -6.50 9.66
CA SER C 190 10.90 -5.52 9.64
C SER C 190 10.42 -4.19 10.25
N LYS C 191 9.19 -3.82 9.94
CA LYS C 191 8.61 -2.61 10.50
C LYS C 191 8.52 -2.70 11.99
N SER C 192 8.10 -3.86 12.52
CA SER C 192 8.09 -4.05 13.99
C SER C 192 9.47 -3.85 14.55
N PHE C 193 10.48 -4.38 13.88
CA PHE C 193 11.85 -4.17 14.34
C PHE C 193 12.23 -2.69 14.30
N ALA C 194 11.78 -1.98 13.29
CA ALA C 194 12.05 -0.55 13.17
C ALA C 194 11.55 0.19 14.38
N TYR C 195 10.37 -0.20 14.89
CA TYR C 195 9.84 0.40 16.11
C TYR C 195 10.75 0.15 17.30
N GLU C 196 11.24 -1.07 17.41
CA GLU C 196 12.01 -1.48 18.57
C GLU C 196 13.43 -0.97 18.56
N GLY C 197 13.99 -0.68 17.40
CA GLY C 197 15.35 -0.13 17.30
C GLY C 197 15.41 1.40 17.25
N ALA C 198 14.25 2.05 17.16
CA ALA C 198 14.20 3.47 16.80
C ALA C 198 14.87 4.36 17.84
N LEU C 199 14.55 4.17 19.11
CA LEU C 199 15.11 5.04 20.15
C LEU C 199 16.61 5.00 20.17
N ARG C 200 17.17 3.86 19.78
CA ARG C 200 18.62 3.68 19.81
C ARG C 200 19.27 3.88 18.44
N ASN C 201 18.57 4.54 17.54
CA ASN C 201 19.08 4.83 16.23
C ASN C 201 19.57 3.58 15.44
N ILE C 202 18.79 2.51 15.57
CA ILE C 202 18.99 1.29 14.80
C ILE C 202 17.83 1.17 13.84
N ARG C 203 18.12 1.38 12.57
CA ARG C 203 17.11 1.46 11.52
C ARG C 203 16.91 0.11 10.88
N PHE C 204 15.66 -0.19 10.54
CA PHE C 204 15.33 -1.40 9.77
C PHE C 204 14.53 -1.05 8.51
N ASN C 205 14.96 -1.59 7.37
CA ASN C 205 14.29 -1.36 6.12
C ASN C 205 14.36 -2.57 5.27
N SER C 206 13.49 -2.60 4.28
CA SER C 206 13.39 -3.71 3.33
C SER C 206 13.58 -3.26 1.91
N VAL C 207 14.02 -4.20 1.12
CA VAL C 207 14.12 -4.04 -0.30
C VAL C 207 13.31 -5.16 -0.92
N THR C 208 12.57 -4.85 -1.99
CA THR C 208 11.83 -5.82 -2.77
C THR C 208 12.22 -5.75 -4.25
N PRO C 209 13.25 -6.50 -4.66
CA PRO C 209 13.61 -6.70 -6.03
C PRO C 209 12.49 -7.29 -6.86
N GLY C 210 12.46 -6.94 -8.15
CA GLY C 210 11.64 -7.61 -9.12
C GLY C 210 12.37 -8.76 -9.80
N PHE C 211 12.36 -8.78 -11.13
CA PHE C 211 13.03 -9.78 -11.89
C PHE C 211 14.46 -9.30 -12.08
N ILE C 212 15.40 -10.00 -11.50
CA ILE C 212 16.79 -9.66 -11.58
C ILE C 212 17.58 -10.74 -12.34
N GLU C 213 18.46 -10.28 -13.24
CA GLU C 213 19.24 -11.19 -14.10
C GLU C 213 19.72 -12.44 -13.32
N THR C 214 19.30 -13.64 -13.83
CA THR C 214 19.12 -14.90 -13.05
C THR C 214 20.22 -16.02 -13.25
N ASP C 215 21.31 -15.65 -13.90
CA ASP C 215 22.48 -16.52 -14.01
C ASP C 215 23.68 -15.71 -14.51
N ALA C 226 12.08 -12.99 -23.83
CA ALA C 226 11.68 -11.67 -23.29
C ALA C 226 10.23 -11.69 -22.73
N ASP C 227 9.80 -12.86 -22.27
CA ASP C 227 8.43 -13.06 -21.78
C ASP C 227 8.22 -12.53 -20.34
N TYR C 228 9.30 -12.39 -19.58
CA TYR C 228 9.26 -11.73 -18.26
C TYR C 228 9.22 -10.20 -18.48
N VAL C 229 10.18 -9.75 -19.31
CA VAL C 229 10.47 -8.36 -19.62
C VAL C 229 9.31 -7.46 -20.14
N LYS C 230 8.33 -8.03 -20.82
CA LYS C 230 7.27 -7.22 -21.48
C LYS C 230 6.39 -6.47 -20.49
N ASN C 231 6.25 -6.99 -19.28
CA ASN C 231 5.45 -6.32 -18.25
C ASN C 231 6.28 -5.36 -17.41
N ILE C 232 7.57 -5.21 -17.72
CA ILE C 232 8.42 -4.30 -16.98
C ILE C 232 8.54 -2.98 -17.77
N PRO C 233 8.04 -1.87 -17.21
CA PRO C 233 8.08 -0.64 -17.95
C PRO C 233 9.46 -0.28 -18.49
N LEU C 234 10.49 -0.44 -17.67
CA LEU C 234 11.85 -0.23 -18.12
C LEU C 234 12.28 -1.24 -19.19
N ASN C 235 11.50 -2.30 -19.36
CA ASN C 235 11.68 -3.22 -20.45
C ASN C 235 13.06 -3.85 -20.43
N ARG C 236 13.50 -4.24 -19.23
CA ARG C 236 14.71 -5.03 -19.08
C ARG C 236 14.74 -5.60 -17.69
N LEU C 237 15.54 -6.63 -17.49
CA LEU C 237 15.77 -7.18 -16.16
C LEU C 237 16.73 -6.26 -15.44
N GLY C 238 16.66 -6.27 -14.11
CA GLY C 238 17.60 -5.52 -13.33
C GLY C 238 18.85 -6.31 -13.13
N SER C 239 19.97 -5.64 -12.88
CA SER C 239 21.19 -6.30 -12.42
C SER C 239 21.21 -6.48 -10.91
N ALA C 240 21.93 -7.49 -10.48
CA ALA C 240 22.24 -7.64 -9.08
C ALA C 240 22.83 -6.35 -8.49
N LYS C 241 23.60 -5.66 -9.30
CA LYS C 241 24.15 -4.36 -8.91
C LYS C 241 23.09 -3.27 -8.48
N GLU C 242 22.05 -3.15 -9.29
CA GLU C 242 21.04 -2.14 -9.05
C GLU C 242 20.34 -2.45 -7.75
N VAL C 243 20.17 -3.72 -7.41
CA VAL C 243 19.64 -4.06 -6.09
C VAL C 243 20.67 -3.74 -5.00
N ALA C 244 21.92 -4.16 -5.24
CA ALA C 244 23.01 -3.98 -4.30
C ALA C 244 23.21 -2.49 -3.90
N GLU C 245 23.00 -1.57 -4.84
CA GLU C 245 23.24 -0.17 -4.57
C GLU C 245 22.08 0.47 -3.80
N ALA C 246 20.91 -0.13 -3.86
CA ALA C 246 19.76 0.33 -3.06
C ALA C 246 19.87 -0.12 -1.62
N VAL C 247 20.37 -1.34 -1.45
CA VAL C 247 20.70 -1.83 -0.13
C VAL C 247 21.71 -0.90 0.53
N ALA C 248 22.75 -0.58 -0.22
CA ALA C 248 23.80 0.29 0.28
C ALA C 248 23.24 1.65 0.75
N PHE C 249 22.39 2.27 -0.09
CA PHE C 249 21.75 3.50 0.29
C PHE C 249 21.06 3.37 1.63
N LEU C 250 20.28 2.32 1.79
CA LEU C 250 19.50 2.18 3.02
C LEU C 250 20.39 1.96 4.24
N LEU C 251 21.56 1.40 4.02
CA LEU C 251 22.54 1.25 5.10
C LEU C 251 23.28 2.57 5.35
N SER C 252 23.46 3.36 4.30
CA SER C 252 24.32 4.52 4.37
C SER C 252 23.75 5.57 5.27
N ASP C 253 24.58 6.49 5.71
CA ASP C 253 24.12 7.65 6.51
C ASP C 253 23.11 8.52 5.69
N HIS C 254 23.08 8.35 4.36
CA HIS C 254 22.21 9.13 3.50
C HIS C 254 20.74 8.89 3.73
N SER C 255 20.41 7.79 4.37
CA SER C 255 19.04 7.43 4.58
C SER C 255 18.74 7.46 6.07
N SER C 256 19.39 8.38 6.82
CA SER C 256 19.35 8.35 8.29
C SER C 256 17.98 8.71 8.92
N TYR C 257 17.10 9.32 8.15
CA TYR C 257 15.74 9.52 8.64
C TYR C 257 14.74 8.55 8.04
N ILE C 258 15.25 7.44 7.50
CA ILE C 258 14.41 6.42 6.87
C ILE C 258 14.46 5.11 7.65
N THR C 259 13.31 4.69 8.18
CA THR C 259 13.22 3.43 8.87
C THR C 259 11.81 2.92 8.75
N GLY C 260 11.65 1.59 8.72
CA GLY C 260 10.34 0.98 8.55
C GLY C 260 9.80 1.06 7.13
N GLU C 261 10.66 1.36 6.18
CA GLU C 261 10.27 1.52 4.80
C GLU C 261 10.65 0.31 3.93
N THR C 262 9.87 0.11 2.87
CA THR C 262 10.12 -0.87 1.85
C THR C 262 10.44 -0.15 0.55
N LEU C 263 11.59 -0.47 0.00
CA LEU C 263 12.09 0.12 -1.24
C LEU C 263 11.98 -0.90 -2.38
N LYS C 264 11.10 -0.59 -3.33
CA LYS C 264 10.91 -1.44 -4.50
C LYS C 264 12.00 -1.18 -5.53
N VAL C 265 12.56 -2.26 -6.03
CA VAL C 265 13.61 -2.16 -7.01
C VAL C 265 13.18 -3.17 -8.07
N ASN C 266 12.20 -2.79 -8.86
CA ASN C 266 11.53 -3.68 -9.80
C ASN C 266 11.25 -3.09 -11.17
N GLY C 267 11.85 -1.97 -11.52
CA GLY C 267 11.68 -1.41 -12.85
C GLY C 267 10.28 -0.94 -13.24
N GLY C 268 9.47 -0.63 -12.24
CA GLY C 268 8.10 -0.18 -12.48
C GLY C 268 7.09 -1.32 -12.56
N LEU C 269 7.53 -2.54 -12.31
CA LEU C 269 6.68 -3.71 -12.46
C LEU C 269 5.53 -3.67 -11.49
N TYR C 270 5.78 -3.12 -10.31
CA TYR C 270 4.77 -2.89 -9.32
C TYR C 270 4.95 -1.49 -8.71
N MET C 271 3.89 -0.68 -8.73
CA MET C 271 3.92 0.66 -8.19
C MET C 271 2.73 0.88 -7.22
N ALA D 24 -30.55 -10.13 5.03
CA ALA D 24 -29.61 -11.27 4.71
C ALA D 24 -28.99 -11.05 3.35
N MET D 25 -27.66 -10.89 3.38
CA MET D 25 -26.80 -10.97 2.23
C MET D 25 -27.02 -12.27 1.47
N GLN D 26 -26.68 -12.25 0.19
CA GLN D 26 -26.93 -13.37 -0.74
C GLN D 26 -25.75 -14.34 -0.78
N PHE D 27 -26.05 -15.63 -0.55
CA PHE D 27 -25.06 -16.69 -0.66
C PHE D 27 -25.48 -17.74 -1.68
N THR D 28 -24.68 -17.91 -2.74
CA THR D 28 -24.87 -19.04 -3.64
C THR D 28 -24.48 -20.32 -2.94
N GLY D 29 -23.44 -20.27 -2.11
CA GLY D 29 -23.00 -21.44 -1.33
C GLY D 29 -23.88 -21.75 -0.13
N LYS D 30 -23.72 -22.93 0.44
CA LYS D 30 -24.67 -23.48 1.43
C LYS D 30 -24.11 -23.64 2.80
N ASN D 31 -22.78 -23.80 2.88
CA ASN D 31 -22.15 -24.10 4.18
C ASN D 31 -20.78 -23.48 4.34
N VAL D 32 -20.32 -23.41 5.58
CA VAL D 32 -19.10 -22.74 5.87
C VAL D 32 -18.37 -23.40 7.03
N LEU D 33 -17.06 -23.53 6.89
CA LEU D 33 -16.24 -23.95 8.01
C LEU D 33 -15.52 -22.74 8.59
N ILE D 34 -15.58 -22.60 9.90
CA ILE D 34 -14.91 -21.53 10.59
C ILE D 34 -13.94 -22.14 11.62
N THR D 35 -12.65 -21.85 11.50
CA THR D 35 -11.70 -22.36 12.47
C THR D 35 -11.69 -21.45 13.70
N GLY D 36 -11.37 -22.03 14.85
CA GLY D 36 -11.37 -21.29 16.10
C GLY D 36 -12.69 -20.56 16.29
N ALA D 37 -13.79 -21.29 16.09
CA ALA D 37 -15.13 -20.69 16.14
C ALA D 37 -15.83 -20.76 17.50
N SER D 38 -15.17 -21.26 18.53
CA SER D 38 -15.83 -21.48 19.81
C SER D 38 -16.30 -20.18 20.46
N LYS D 39 -15.48 -19.15 20.34
CA LYS D 39 -15.65 -17.94 21.11
C LYS D 39 -15.04 -16.72 20.42
N GLY D 40 -15.24 -15.55 21.03
CA GLY D 40 -14.79 -14.29 20.49
C GLY D 40 -15.29 -14.03 19.06
N ILE D 41 -14.37 -13.65 18.18
CA ILE D 41 -14.69 -13.28 16.81
C ILE D 41 -15.22 -14.47 16.02
N GLY D 42 -14.59 -15.62 16.20
CA GLY D 42 -14.99 -16.84 15.52
C GLY D 42 -16.41 -17.24 15.83
N ALA D 43 -16.81 -17.12 17.11
CA ALA D 43 -18.20 -17.39 17.50
C ALA D 43 -19.22 -16.45 16.83
N GLU D 44 -18.96 -15.14 16.85
CA GLU D 44 -19.80 -14.20 16.11
C GLU D 44 -19.87 -14.46 14.57
N ILE D 45 -18.77 -14.83 13.94
CA ILE D 45 -18.82 -15.20 12.52
C ILE D 45 -19.79 -16.36 12.30
N ALA D 46 -19.71 -17.38 13.15
CA ALA D 46 -20.66 -18.46 13.14
C ALA D 46 -22.13 -18.01 13.31
N LYS D 47 -22.40 -17.17 14.31
CA LYS D 47 -23.78 -16.65 14.53
C LYS D 47 -24.25 -15.87 13.35
N THR D 48 -23.44 -14.92 12.92
CA THR D 48 -23.82 -14.07 11.81
C THR D 48 -24.13 -14.90 10.58
N LEU D 49 -23.21 -15.77 10.19
CA LEU D 49 -23.40 -16.57 8.99
C LEU D 49 -24.57 -17.55 9.14
N ALA D 50 -24.77 -18.11 10.34
CA ALA D 50 -25.93 -19.00 10.59
C ALA D 50 -27.26 -18.26 10.40
N SER D 51 -27.28 -16.98 10.76
CA SER D 51 -28.53 -16.24 10.73
C SER D 51 -28.91 -15.84 9.30
N MET D 52 -27.93 -15.87 8.42
CA MET D 52 -28.11 -15.60 7.00
C MET D 52 -28.29 -16.86 6.16
N GLY D 53 -28.56 -18.00 6.82
CA GLY D 53 -28.97 -19.23 6.12
C GLY D 53 -27.89 -20.25 5.75
N LEU D 54 -26.65 -20.00 6.14
CA LEU D 54 -25.58 -20.96 5.92
C LEU D 54 -25.50 -21.98 7.06
N LYS D 55 -25.20 -23.22 6.69
CA LYS D 55 -24.89 -24.25 7.68
C LYS D 55 -23.47 -24.02 8.16
N VAL D 56 -23.32 -23.73 9.44
CA VAL D 56 -22.00 -23.39 9.98
C VAL D 56 -21.35 -24.59 10.63
N TRP D 57 -20.06 -24.78 10.34
CA TRP D 57 -19.25 -25.82 10.99
C TRP D 57 -18.32 -25.13 11.95
N ILE D 58 -18.46 -25.48 13.23
CA ILE D 58 -17.80 -24.78 14.33
C ILE D 58 -16.60 -25.58 14.80
N ASN D 59 -15.42 -25.27 14.28
CA ASN D 59 -14.21 -25.96 14.72
C ASN D 59 -13.85 -25.56 16.14
N TYR D 60 -13.54 -26.56 16.95
CA TYR D 60 -12.89 -26.34 18.26
C TYR D 60 -11.74 -27.31 18.41
N ARG D 61 -10.78 -26.95 19.25
CA ARG D 61 -9.55 -27.71 19.49
C ARG D 61 -9.68 -28.55 20.74
N SER D 62 -10.22 -27.97 21.81
CA SER D 62 -10.15 -28.57 23.15
C SER D 62 -11.52 -28.75 23.81
N ASN D 63 -12.20 -27.62 24.10
CA ASN D 63 -13.44 -27.62 24.90
C ASN D 63 -14.69 -27.90 24.07
N ALA D 64 -15.17 -29.13 24.17
CA ALA D 64 -16.41 -29.53 23.50
C ALA D 64 -17.65 -28.76 24.00
N GLU D 65 -17.70 -28.45 25.29
CA GLU D 65 -18.92 -27.94 25.91
C GLU D 65 -19.29 -26.55 25.37
N VAL D 66 -18.30 -25.67 25.25
CA VAL D 66 -18.56 -24.33 24.76
C VAL D 66 -19.05 -24.38 23.30
N ALA D 67 -18.43 -25.25 22.50
CA ALA D 67 -18.75 -25.39 21.09
C ALA D 67 -20.14 -25.98 20.90
N ASP D 68 -20.47 -26.97 21.74
CA ASP D 68 -21.79 -27.58 21.73
C ASP D 68 -22.85 -26.61 22.17
N ALA D 69 -22.53 -25.76 23.13
CA ALA D 69 -23.50 -24.78 23.62
C ALA D 69 -23.82 -23.77 22.53
N LEU D 70 -22.81 -23.38 21.77
CA LEU D 70 -23.03 -22.50 20.61
C LEU D 70 -23.91 -23.19 19.57
N LYS D 71 -23.59 -24.44 19.26
CA LYS D 71 -24.34 -25.17 18.25
C LYS D 71 -25.80 -25.28 18.66
N ASN D 72 -26.00 -25.61 19.93
CA ASN D 72 -27.32 -25.70 20.49
C ASN D 72 -28.09 -24.40 20.39
N GLU D 73 -27.42 -23.30 20.75
CA GLU D 73 -28.04 -22.01 20.71
C GLU D 73 -28.54 -21.72 19.31
N LEU D 74 -27.73 -22.05 18.31
CA LEU D 74 -28.09 -21.74 16.92
C LEU D 74 -29.19 -22.66 16.41
N GLU D 75 -29.18 -23.92 16.84
CA GLU D 75 -30.24 -24.84 16.44
C GLU D 75 -31.60 -24.49 17.03
N GLU D 76 -31.57 -24.00 18.28
CA GLU D 76 -32.79 -23.58 18.94
C GLU D 76 -33.45 -22.39 18.23
N LYS D 77 -32.67 -21.58 17.51
CA LYS D 77 -33.21 -20.50 16.67
C LYS D 77 -33.58 -20.95 15.27
N GLY D 78 -33.47 -22.23 14.97
CA GLY D 78 -33.87 -22.73 13.66
C GLY D 78 -32.77 -22.68 12.61
N TYR D 79 -31.53 -22.48 13.02
CA TYR D 79 -30.43 -22.40 12.09
C TYR D 79 -29.75 -23.76 11.98
N LYS D 80 -28.92 -23.91 10.97
CA LYS D 80 -28.17 -25.14 10.76
C LYS D 80 -26.72 -24.96 11.23
N ALA D 81 -26.25 -25.90 12.04
CA ALA D 81 -24.95 -25.80 12.68
C ALA D 81 -24.41 -27.18 13.06
N ALA D 82 -23.10 -27.32 13.01
CA ALA D 82 -22.42 -28.52 13.48
C ALA D 82 -21.10 -28.15 14.14
N VAL D 83 -20.58 -29.06 14.95
CA VAL D 83 -19.28 -28.87 15.61
C VAL D 83 -18.29 -29.88 15.05
N ILE D 84 -17.02 -29.52 15.09
CA ILE D 84 -16.01 -30.42 14.57
C ILE D 84 -14.66 -30.20 15.23
N LYS D 85 -14.13 -31.26 15.81
CA LYS D 85 -12.88 -31.17 16.54
C LYS D 85 -11.67 -31.38 15.65
N PHE D 86 -10.76 -30.40 15.65
CA PHE D 86 -9.44 -30.59 15.07
C PHE D 86 -8.55 -29.42 15.34
N ASP D 87 -7.26 -29.65 15.17
CA ASP D 87 -6.25 -28.62 15.36
C ASP D 87 -5.87 -28.11 13.99
N ALA D 88 -6.18 -26.85 13.72
CA ALA D 88 -5.99 -26.27 12.40
C ALA D 88 -4.53 -26.22 12.01
N ALA D 89 -3.65 -26.14 13.00
CA ALA D 89 -2.19 -26.20 12.78
C ALA D 89 -1.72 -27.58 12.32
N SER D 90 -2.54 -28.62 12.54
CA SER D 90 -2.21 -29.99 12.09
C SER D 90 -2.77 -30.34 10.71
N GLU D 91 -1.88 -30.56 9.76
CA GLU D 91 -2.21 -30.94 8.39
C GLU D 91 -3.21 -32.10 8.30
N SER D 92 -2.99 -33.14 9.07
CA SER D 92 -3.72 -34.37 8.92
C SER D 92 -5.12 -34.27 9.54
N ASP D 93 -5.20 -33.54 10.65
CA ASP D 93 -6.46 -33.18 11.27
C ASP D 93 -7.37 -32.35 10.36
N PHE D 94 -6.78 -31.43 9.63
CA PHE D 94 -7.55 -30.51 8.79
C PHE D 94 -8.10 -31.29 7.61
N ILE D 95 -7.28 -32.16 7.05
CA ILE D 95 -7.72 -32.97 5.92
C ILE D 95 -8.87 -33.88 6.31
N GLU D 96 -8.74 -34.53 7.46
CA GLU D 96 -9.78 -35.42 7.95
C GLU D 96 -11.10 -34.64 8.09
N ALA D 97 -11.04 -33.49 8.73
CA ALA D 97 -12.24 -32.70 9.00
C ALA D 97 -12.99 -32.28 7.71
N ILE D 98 -12.24 -31.88 6.69
CA ILE D 98 -12.87 -31.55 5.42
C ILE D 98 -13.52 -32.76 4.81
N GLN D 99 -12.82 -33.88 4.86
CA GLN D 99 -13.45 -35.11 4.39
C GLN D 99 -14.78 -35.31 5.07
N THR D 100 -14.82 -35.07 6.37
CA THR D 100 -16.04 -35.29 7.12
C THR D 100 -17.14 -34.38 6.62
N ILE D 101 -16.82 -33.13 6.42
CA ILE D 101 -17.80 -32.18 5.88
C ILE D 101 -18.31 -32.53 4.49
N VAL D 102 -17.44 -32.86 3.60
CA VAL D 102 -17.83 -33.22 2.24
C VAL D 102 -18.78 -34.41 2.26
N GLN D 103 -18.44 -35.36 3.11
CA GLN D 103 -19.25 -36.51 3.30
C GLN D 103 -20.63 -36.23 3.85
N SER D 104 -20.77 -35.30 4.81
CA SER D 104 -22.10 -34.95 5.37
C SER D 104 -22.92 -34.06 4.48
N ASP D 105 -22.25 -33.07 3.87
CA ASP D 105 -22.95 -32.01 3.11
C ASP D 105 -22.80 -32.08 1.58
N GLY D 106 -21.92 -32.93 1.06
CA GLY D 106 -21.72 -33.04 -0.39
C GLY D 106 -20.61 -32.16 -0.91
N GLY D 107 -20.20 -31.14 -0.14
CA GLY D 107 -19.08 -30.26 -0.51
C GLY D 107 -18.87 -29.16 0.55
N LEU D 108 -18.00 -28.20 0.26
CA LEU D 108 -17.82 -27.05 1.11
C LEU D 108 -17.67 -25.80 0.26
N SER D 109 -18.57 -24.85 0.41
CA SER D 109 -18.50 -23.62 -0.38
C SER D 109 -17.68 -22.50 0.25
N TYR D 110 -17.64 -22.42 1.58
CA TYR D 110 -16.99 -21.29 2.23
C TYR D 110 -16.08 -21.67 3.38
N LEU D 111 -15.02 -20.90 3.57
CA LEU D 111 -14.10 -21.17 4.66
C LEU D 111 -13.58 -19.89 5.29
N VAL D 112 -13.45 -19.91 6.62
CA VAL D 112 -12.89 -18.81 7.34
C VAL D 112 -11.76 -19.28 8.24
N ASN D 113 -10.57 -18.85 7.92
CA ASN D 113 -9.38 -19.10 8.74
C ASN D 113 -9.27 -18.03 9.80
N ASN D 114 -9.67 -18.42 11.00
CA ASN D 114 -9.68 -17.55 12.10
C ASN D 114 -8.78 -18.02 13.22
N ALA D 115 -8.36 -19.27 13.22
CA ALA D 115 -7.52 -19.82 14.32
C ALA D 115 -6.32 -18.88 14.49
N GLY D 116 -6.06 -18.39 15.69
CA GLY D 116 -5.02 -17.38 15.91
C GLY D 116 -4.68 -17.14 17.37
N VAL D 117 -3.38 -16.99 17.64
CA VAL D 117 -2.88 -16.71 18.98
C VAL D 117 -1.94 -15.50 18.96
N VAL D 118 -1.70 -14.92 20.12
CA VAL D 118 -0.67 -13.88 20.25
C VAL D 118 0.34 -14.32 21.29
N ARG D 119 1.54 -13.80 21.15
CA ARG D 119 2.55 -13.96 22.18
C ARG D 119 3.52 -12.81 22.04
N ASP D 120 3.05 -11.63 22.45
CA ASP D 120 3.81 -10.37 22.43
C ASP D 120 4.99 -10.40 23.41
N LYS D 121 6.14 -9.99 22.91
CA LYS D 121 7.30 -9.73 23.72
C LYS D 121 8.24 -8.90 22.85
N LEU D 122 9.15 -8.19 23.50
CA LEU D 122 10.14 -7.44 22.80
C LEU D 122 11.07 -8.41 22.10
N ALA D 123 11.49 -8.08 20.89
CA ALA D 123 12.25 -8.98 20.07
C ALA D 123 13.49 -9.49 20.79
N ILE D 124 14.19 -8.61 21.50
CA ILE D 124 15.40 -9.05 22.21
C ILE D 124 15.16 -10.10 23.30
N LYS D 125 13.93 -10.18 23.82
CA LYS D 125 13.55 -11.19 24.80
C LYS D 125 12.90 -12.42 24.13
N MET D 126 12.55 -12.31 22.86
CA MET D 126 11.79 -13.34 22.17
C MET D 126 12.68 -14.50 21.72
N LYS D 127 12.23 -15.71 22.00
CA LYS D 127 12.89 -16.90 21.51
C LYS D 127 12.30 -17.40 20.22
N THR D 128 13.10 -18.13 19.47
CA THR D 128 12.66 -18.78 18.23
C THR D 128 11.41 -19.61 18.39
N GLU D 129 11.32 -20.31 19.52
CA GLU D 129 10.13 -21.07 19.88
C GLU D 129 8.88 -20.17 19.99
N ASP D 130 9.03 -18.98 20.58
CA ASP D 130 7.97 -17.97 20.61
C ASP D 130 7.55 -17.54 19.21
N PHE D 131 8.53 -17.39 18.31
CA PHE D 131 8.27 -16.99 16.95
C PHE D 131 7.56 -18.10 16.19
N HIS D 132 8.07 -19.32 16.25
CA HIS D 132 7.41 -20.47 15.59
C HIS D 132 6.03 -20.76 16.11
N HIS D 133 5.87 -20.64 17.42
CA HIS D 133 4.57 -20.84 18.02
C HIS D 133 3.48 -20.01 17.32
N VAL D 134 3.73 -18.74 17.08
CA VAL D 134 2.75 -17.89 16.44
C VAL D 134 2.67 -18.19 14.95
N ILE D 135 3.82 -18.41 14.32
CA ILE D 135 3.83 -18.72 12.90
C ILE D 135 3.04 -20.02 12.60
N ASP D 136 3.32 -21.09 13.35
CA ASP D 136 2.59 -22.33 13.14
C ASP D 136 1.11 -22.15 13.41
N ASN D 137 0.74 -21.48 14.50
CA ASN D 137 -0.66 -21.39 14.83
C ASN D 137 -1.47 -20.42 14.01
N ASN D 138 -0.82 -19.40 13.46
CA ASN D 138 -1.52 -18.38 12.69
C ASN D 138 -1.34 -18.52 11.18
N LEU D 139 -0.11 -18.72 10.76
CA LEU D 139 0.21 -18.64 9.32
C LEU D 139 0.14 -20.04 8.66
N THR D 140 0.78 -21.02 9.27
CA THR D 140 0.74 -22.35 8.76
C THR D 140 -0.68 -22.91 8.74
N SER D 141 -1.40 -22.64 9.81
CA SER D 141 -2.78 -23.03 9.85
C SER D 141 -3.56 -22.44 8.69
N ALA D 142 -3.37 -21.16 8.40
CA ALA D 142 -4.13 -20.56 7.29
C ALA D 142 -3.73 -21.17 5.96
N PHE D 143 -2.45 -21.56 5.84
CA PHE D 143 -1.97 -22.12 4.60
C PHE D 143 -2.70 -23.42 4.37
N ILE D 144 -2.73 -24.25 5.38
CA ILE D 144 -3.40 -25.55 5.28
C ILE D 144 -4.87 -25.38 4.92
N GLY D 145 -5.58 -24.54 5.66
CA GLY D 145 -6.97 -24.28 5.36
C GLY D 145 -7.19 -23.79 3.95
N CYS D 146 -6.40 -22.80 3.54
CA CYS D 146 -6.49 -22.30 2.18
C CYS D 146 -6.19 -23.39 1.14
N ARG D 147 -5.18 -24.22 1.40
CA ARG D 147 -4.85 -25.29 0.48
C ARG D 147 -6.03 -26.28 0.27
N GLU D 148 -6.63 -26.68 1.39
CA GLU D 148 -7.77 -27.57 1.36
C GLU D 148 -8.99 -26.96 0.70
N ALA D 149 -9.16 -25.67 0.89
CA ALA D 149 -10.29 -24.97 0.25
C ALA D 149 -10.18 -25.12 -1.24
N LEU D 150 -8.99 -24.85 -1.74
CA LEU D 150 -8.67 -24.96 -3.16
C LEU D 150 -8.90 -26.39 -3.70
N LYS D 151 -8.43 -27.40 -2.98
CA LYS D 151 -8.70 -28.80 -3.40
C LYS D 151 -10.18 -29.08 -3.51
N VAL D 152 -10.93 -28.66 -2.50
CA VAL D 152 -12.33 -29.06 -2.35
C VAL D 152 -13.30 -28.20 -3.11
N MET D 153 -12.94 -26.96 -3.37
CA MET D 153 -13.82 -26.06 -4.03
C MET D 153 -13.62 -26.06 -5.53
N SER D 154 -12.47 -26.53 -6.02
CA SER D 154 -12.17 -26.47 -7.45
C SER D 154 -13.13 -27.32 -8.29
N LYS D 155 -13.40 -28.54 -7.83
CA LYS D 155 -14.35 -29.45 -8.49
C LYS D 155 -15.63 -28.68 -8.91
N SER D 156 -16.24 -27.95 -7.97
CA SER D 156 -17.47 -27.21 -8.25
C SER D 156 -17.29 -25.78 -8.75
N ARG D 157 -16.05 -25.34 -8.96
CA ARG D 157 -15.76 -24.05 -9.60
C ARG D 157 -16.44 -22.87 -8.91
N PHE D 158 -16.45 -22.95 -7.60
CA PHE D 158 -17.08 -21.94 -6.79
C PHE D 158 -16.55 -21.95 -5.35
N GLY D 159 -16.20 -20.79 -4.82
CA GLY D 159 -15.89 -20.69 -3.41
C GLY D 159 -15.45 -19.32 -2.98
N SER D 160 -15.46 -19.11 -1.68
CA SER D 160 -14.85 -17.91 -1.12
C SER D 160 -14.22 -18.20 0.23
N VAL D 161 -13.07 -17.60 0.48
CA VAL D 161 -12.26 -17.90 1.64
C VAL D 161 -11.83 -16.59 2.28
N VAL D 162 -11.97 -16.47 3.60
CA VAL D 162 -11.52 -15.27 4.30
C VAL D 162 -10.48 -15.63 5.35
N ASN D 163 -9.35 -14.98 5.25
CA ASN D 163 -8.32 -15.08 6.27
C ASN D 163 -8.48 -13.93 7.29
N VAL D 164 -8.74 -14.26 8.55
CA VAL D 164 -8.85 -13.23 9.59
C VAL D 164 -7.51 -13.00 10.22
N ALA D 165 -7.01 -11.78 10.02
CA ALA D 165 -5.64 -11.37 10.33
C ALA D 165 -5.70 -10.30 11.39
N GLY D 172 3.40 -2.90 11.42
N GLY D 172 1.20 -0.08 19.66
CA GLY D 172 4.29 -3.38 12.47
CA GLY D 172 1.20 -1.34 18.92
C GLY D 172 3.78 -2.94 13.83
C GLY D 172 2.49 -1.53 18.14
N ASN D 173 4.46 -3.35 14.89
N ASN D 173 2.54 -2.63 17.38
CA ASN D 173 4.09 -2.94 16.22
CA ASN D 173 3.72 -3.06 16.58
C ASN D 173 5.11 -3.28 17.32
C ASN D 173 4.98 -3.31 17.41
N MET D 174 5.27 -2.37 18.30
CA MET D 174 6.17 -2.58 19.44
C MET D 174 5.78 -3.84 20.20
N GLY D 175 6.72 -4.76 20.30
CA GLY D 175 6.46 -6.07 20.91
C GLY D 175 5.78 -7.14 20.07
N GLN D 176 5.63 -6.93 18.76
CA GLN D 176 4.88 -7.88 17.92
C GLN D 176 5.54 -8.19 16.60
N THR D 177 6.82 -8.52 16.69
CA THR D 177 7.54 -9.01 15.55
C THR D 177 6.96 -10.33 15.07
N ASN D 178 6.59 -11.22 15.97
CA ASN D 178 6.00 -12.50 15.51
C ASN D 178 4.57 -12.35 15.00
N TYR D 179 3.74 -11.56 15.66
CA TYR D 179 2.35 -11.37 15.19
C TYR D 179 2.34 -10.70 13.83
N SER D 180 3.04 -9.56 13.67
CA SER D 180 3.11 -8.84 12.41
C SER D 180 3.71 -9.74 11.29
N ALA D 181 4.76 -10.49 11.56
CA ALA D 181 5.24 -11.49 10.62
C ALA D 181 4.16 -12.46 10.14
N SER D 182 3.34 -12.97 11.05
CA SER D 182 2.39 -14.01 10.73
C SER D 182 1.22 -13.38 9.99
N LYS D 183 0.93 -12.13 10.31
CA LYS D 183 -0.16 -11.44 9.67
C LYS D 183 0.20 -10.82 8.35
N GLY D 184 1.38 -10.23 8.28
CA GLY D 184 1.93 -9.80 7.01
C GLY D 184 2.04 -10.98 6.05
N GLY D 185 2.50 -12.13 6.54
CA GLY D 185 2.59 -13.33 5.75
C GLY D 185 1.23 -13.78 5.25
N MET D 186 0.25 -13.83 6.15
CA MET D 186 -1.11 -14.27 5.81
C MET D 186 -1.67 -13.39 4.70
N ILE D 187 -1.48 -12.09 4.83
CA ILE D 187 -2.02 -11.17 3.89
C ILE D 187 -1.36 -11.44 2.54
N ALA D 188 -0.04 -11.56 2.50
CA ALA D 188 0.70 -11.82 1.24
C ALA D 188 0.33 -13.20 0.62
N MET D 189 0.22 -14.19 1.48
CA MET D 189 -0.07 -15.52 1.07
C MET D 189 -1.46 -15.58 0.46
N SER D 190 -2.39 -14.83 1.05
CA SER D 190 -3.75 -14.89 0.61
C SER D 190 -3.88 -14.40 -0.82
N LYS D 191 -3.11 -13.39 -1.16
CA LYS D 191 -3.06 -12.89 -2.53
C LYS D 191 -2.56 -13.95 -3.48
N SER D 192 -1.51 -14.67 -3.10
CA SER D 192 -1.03 -15.80 -3.91
C SER D 192 -2.13 -16.82 -4.13
N PHE D 193 -2.91 -17.12 -3.08
CA PHE D 193 -4.04 -18.02 -3.22
C PHE D 193 -5.04 -17.45 -4.18
N ALA D 194 -5.25 -16.14 -4.12
CA ALA D 194 -6.25 -15.50 -4.98
C ALA D 194 -5.91 -15.70 -6.43
N TYR D 195 -4.63 -15.63 -6.77
CA TYR D 195 -4.17 -15.93 -8.13
C TYR D 195 -4.52 -17.37 -8.52
N GLU D 196 -4.29 -18.29 -7.60
CA GLU D 196 -4.43 -19.71 -7.88
C GLU D 196 -5.87 -20.18 -7.93
N GLY D 197 -6.77 -19.50 -7.24
CA GLY D 197 -8.17 -19.87 -7.29
C GLY D 197 -8.99 -19.11 -8.30
N ALA D 198 -8.40 -18.11 -8.94
CA ALA D 198 -9.16 -17.14 -9.74
C ALA D 198 -9.87 -17.74 -10.96
N LEU D 199 -9.15 -18.53 -11.73
CA LEU D 199 -9.72 -19.17 -12.91
C LEU D 199 -10.97 -20.00 -12.55
N ARG D 200 -10.97 -20.59 -11.37
CA ARG D 200 -12.06 -21.45 -10.95
C ARG D 200 -13.02 -20.72 -10.00
N ASN D 201 -13.00 -19.39 -10.01
CA ASN D 201 -13.96 -18.63 -9.24
C ASN D 201 -13.98 -19.02 -7.76
N ILE D 202 -12.76 -19.21 -7.24
CA ILE D 202 -12.51 -19.33 -5.82
C ILE D 202 -11.74 -18.10 -5.34
N ARG D 203 -12.43 -17.24 -4.57
CA ARG D 203 -11.88 -15.94 -4.16
C ARG D 203 -11.22 -16.04 -2.80
N PHE D 204 -10.12 -15.34 -2.62
CA PHE D 204 -9.43 -15.25 -1.34
C PHE D 204 -9.23 -13.81 -0.94
N ASN D 205 -9.61 -13.51 0.30
CA ASN D 205 -9.50 -12.17 0.84
C ASN D 205 -9.17 -12.22 2.30
N SER D 206 -8.72 -11.07 2.80
CA SER D 206 -8.31 -10.92 4.19
C SER D 206 -9.05 -9.82 4.91
N VAL D 207 -9.14 -10.00 6.21
CA VAL D 207 -9.69 -9.01 7.08
C VAL D 207 -8.66 -8.72 8.16
N THR D 208 -8.48 -7.43 8.48
CA THR D 208 -7.54 -7.02 9.53
C THR D 208 -8.24 -6.16 10.54
N PRO D 209 -8.87 -6.79 11.57
CA PRO D 209 -9.42 -6.13 12.75
C PRO D 209 -8.42 -5.31 13.51
N GLY D 210 -8.90 -4.24 14.12
CA GLY D 210 -8.11 -3.43 15.02
C GLY D 210 -8.32 -3.91 16.43
N PHE D 211 -8.69 -2.98 17.31
CA PHE D 211 -8.98 -3.30 18.69
C PHE D 211 -10.43 -3.65 18.77
N ILE D 212 -10.71 -4.90 19.13
CA ILE D 212 -12.06 -5.41 19.21
C ILE D 212 -12.41 -5.79 20.67
N GLU D 213 -13.59 -5.39 21.12
CA GLU D 213 -14.03 -5.63 22.49
C GLU D 213 -13.72 -7.09 22.93
N ALA D 226 -9.75 4.05 28.66
CA ALA D 226 -10.05 4.43 27.28
C ALA D 226 -8.80 5.02 26.54
N ASP D 227 -7.61 4.63 26.98
CA ASP D 227 -6.37 5.17 26.42
C ASP D 227 -5.98 4.45 25.15
N TYR D 228 -6.53 3.24 24.95
CA TYR D 228 -6.38 2.48 23.71
C TYR D 228 -7.22 3.16 22.63
N VAL D 229 -8.46 3.41 23.02
CA VAL D 229 -9.48 4.12 22.24
C VAL D 229 -9.08 5.51 21.69
N LYS D 230 -8.15 6.19 22.35
CA LYS D 230 -7.79 7.58 21.99
C LYS D 230 -7.21 7.72 20.59
N ASN D 231 -6.51 6.68 20.14
CA ASN D 231 -5.91 6.66 18.80
C ASN D 231 -6.86 6.14 17.74
N ILE D 232 -8.09 5.80 18.11
CA ILE D 232 -9.07 5.35 17.13
C ILE D 232 -10.01 6.51 16.75
N PRO D 233 -9.98 6.95 15.50
CA PRO D 233 -10.85 8.06 15.07
C PRO D 233 -12.31 7.90 15.45
N LEU D 234 -12.88 6.71 15.27
CA LEU D 234 -14.24 6.43 15.74
C LEU D 234 -14.37 6.41 17.26
N ASN D 235 -13.24 6.41 17.96
CA ASN D 235 -13.21 6.64 19.38
C ASN D 235 -14.02 5.58 20.14
N ARG D 236 -13.89 4.34 19.73
CA ARG D 236 -14.50 3.23 20.44
C ARG D 236 -13.88 1.98 19.94
N LEU D 237 -14.00 0.93 20.73
CA LEU D 237 -13.61 -0.42 20.28
C LEU D 237 -14.66 -0.96 19.32
N GLY D 238 -14.25 -1.85 18.42
CA GLY D 238 -15.21 -2.51 17.55
C GLY D 238 -15.83 -3.66 18.26
N SER D 239 -17.02 -4.06 17.87
CA SER D 239 -17.57 -5.37 18.30
C SER D 239 -17.06 -6.53 17.43
N ALA D 240 -17.09 -7.73 18.00
CA ALA D 240 -16.93 -8.94 17.21
C ALA D 240 -17.92 -8.97 16.04
N LYS D 241 -19.14 -8.46 16.25
CA LYS D 241 -20.14 -8.37 15.16
C LYS D 241 -19.67 -7.57 13.96
N GLU D 242 -19.06 -6.43 14.21
CA GLU D 242 -18.60 -5.60 13.13
C GLU D 242 -17.57 -6.31 12.27
N VAL D 243 -16.71 -7.09 12.89
CA VAL D 243 -15.76 -7.89 12.15
C VAL D 243 -16.50 -9.02 11.42
N ALA D 244 -17.41 -9.69 12.15
CA ALA D 244 -18.16 -10.82 11.61
C ALA D 244 -18.94 -10.45 10.35
N GLU D 245 -19.45 -9.24 10.29
CA GLU D 245 -20.26 -8.83 9.12
C GLU D 245 -19.41 -8.44 7.90
N ALA D 246 -18.15 -8.08 8.12
CA ALA D 246 -17.24 -7.79 7.01
C ALA D 246 -16.73 -9.10 6.40
N VAL D 247 -16.52 -10.09 7.24
CA VAL D 247 -16.24 -11.44 6.78
C VAL D 247 -17.36 -11.97 5.93
N ALA D 248 -18.56 -11.80 6.40
CA ALA D 248 -19.73 -12.24 5.67
C ALA D 248 -19.83 -11.59 4.30
N PHE D 249 -19.64 -10.29 4.24
CA PHE D 249 -19.63 -9.60 2.95
C PHE D 249 -18.63 -10.27 1.99
N LEU D 250 -17.43 -10.52 2.47
CA LEU D 250 -16.38 -11.00 1.61
C LEU D 250 -16.60 -12.44 1.16
N LEU D 251 -17.37 -13.20 1.96
CA LEU D 251 -17.88 -14.49 1.51
C LEU D 251 -19.10 -14.36 0.61
N SER D 252 -19.92 -13.35 0.81
CA SER D 252 -21.21 -13.24 0.07
C SER D 252 -21.03 -12.99 -1.42
N ASP D 253 -22.07 -13.26 -2.18
CA ASP D 253 -22.02 -13.02 -3.65
C ASP D 253 -21.79 -11.53 -3.94
N HIS D 254 -22.08 -10.68 -2.96
CA HIS D 254 -21.99 -9.25 -3.14
C HIS D 254 -20.58 -8.79 -3.49
N SER D 255 -19.57 -9.61 -3.19
CA SER D 255 -18.19 -9.22 -3.34
C SER D 255 -17.55 -10.01 -4.42
N SER D 256 -18.33 -10.40 -5.42
CA SER D 256 -17.91 -11.44 -6.36
C SER D 256 -16.80 -10.97 -7.31
N TYR D 257 -16.59 -9.69 -7.45
CA TYR D 257 -15.43 -9.23 -8.24
C TYR D 257 -14.26 -8.81 -7.35
N ILE D 258 -14.28 -9.28 -6.10
CA ILE D 258 -13.29 -8.89 -5.13
C ILE D 258 -12.49 -10.12 -4.72
N THR D 259 -11.19 -10.05 -4.98
CA THR D 259 -10.29 -11.11 -4.57
C THR D 259 -8.91 -10.51 -4.42
N GLY D 260 -8.12 -11.07 -3.52
CA GLY D 260 -6.80 -10.60 -3.27
C GLY D 260 -6.76 -9.31 -2.49
N GLU D 261 -7.87 -8.93 -1.87
CA GLU D 261 -7.98 -7.68 -1.17
C GLU D 261 -7.90 -7.89 0.36
N THR D 262 -7.41 -6.87 1.04
CA THR D 262 -7.42 -6.81 2.50
C THR D 262 -8.37 -5.73 2.96
N LEU D 263 -9.32 -6.12 3.79
CA LEU D 263 -10.32 -5.23 4.33
C LEU D 263 -10.02 -4.91 5.78
N LYS D 264 -9.69 -3.65 6.01
CA LYS D 264 -9.39 -3.16 7.37
C LYS D 264 -10.67 -2.87 8.10
N VAL D 265 -10.75 -3.38 9.32
CA VAL D 265 -11.94 -3.20 10.15
C VAL D 265 -11.43 -2.72 11.49
N ASN D 266 -11.01 -1.47 11.52
CA ASN D 266 -10.20 -0.93 12.64
C ASN D 266 -10.59 0.45 13.14
N GLY D 267 -11.73 0.96 12.69
CA GLY D 267 -12.23 2.29 13.06
C GLY D 267 -11.43 3.51 12.63
N GLY D 268 -10.61 3.38 11.60
CA GLY D 268 -9.72 4.45 11.13
C GLY D 268 -8.36 4.43 11.78
N LEU D 269 -8.07 3.41 12.59
CA LEU D 269 -6.78 3.35 13.30
C LEU D 269 -5.58 3.28 12.33
N TYR D 270 -5.76 2.60 11.20
CA TYR D 270 -4.74 2.56 10.09
C TYR D 270 -5.45 2.48 8.71
NA NA E . 23.00 2.15 -11.73
#